data_2XRZ
#
_entry.id   2XRZ
#
_cell.length_a   71.700
_cell.length_b   116.200
_cell.length_c   168.300
_cell.angle_alpha   90.00
_cell.angle_beta   90.00
_cell.angle_gamma   90.00
#
_symmetry.space_group_name_H-M   'P 21 21 21'
#
loop_
_entity.id
_entity.type
_entity.pdbx_description
1 polymer 'DEOXYRIBODIPYRIMIDINE PHOTOLYASE'
2 polymer 'CPD-COMPRISING OLIGONUCLEOTIDE'
3 polymer COUNTERSTRAND-OLIGONUCLEOTIDE
4 non-polymer 'FLAVIN-ADENINE DINUCLEOTIDE'
5 non-polymer 'SULFATE ION'
6 non-polymer GLYCEROL
7 non-polymer 'ACETATE ION'
8 water water
#
loop_
_entity_poly.entity_id
_entity_poly.type
_entity_poly.pdbx_seq_one_letter_code
_entity_poly.pdbx_strand_id
1 'polypeptide(L)'
;MGSSHHHHHHSSGLVPRGSHMNPKRIRALKSGKQGDGPVVYWMSRDQRAEDNWALLFSRAIAKEANVPVVVVFCLTDEFL
EAGIRQYEFMLKGLQELEVSLSRKKIPSFFLRGDPGEKISRFVKDYNAGTLVTDFSPLRIKNQWIEKVISGISIPFFEVD
AHNVVPCWEASQKHEYAAHTFRPKLYALLPEFLEEFPELEPNSVTPELSAGAGMVETLSDVLETGVKALLPERALLKNKD
PLFEPWHFEPGEKAAKKVMESFIADRLDSYGALRNDPTKNMLSNLSPYLHFGQISSQRVVLEVEKAESNPGSKKAFLDEI
LIWKEISDNFCYYNPGYDGFESFPSWAKESLNAHRNDVRSHIYTLEEFEAGKTHDPLWNASQMELLSTGKMHGYTRMYWA
KKILEWSESPEKALEIAICLNDRYELDGRDPNGYAGIAWSIGGVHDRAWGEREVTGKIRYMSYEGCKRKFDVKLYIEKYS
AL
;
A,B
2 'polydeoxyribonucleotide' (DA)(DT)(DC)(DG)(DG)(DC)(TT)(DC)(DG)(DC)(DG)(DC)(DA)(DA) C,E
3 'polydeoxyribonucleotide' (DT)(DG)(DC)(DG)(DC)(DG)(DA)(DA)(DG)(DC)(DC)(DG)(DA)(DT) D,F
#
loop_
_chem_comp.id
_chem_comp.type
_chem_comp.name
_chem_comp.formula
ACT non-polymer 'ACETATE ION' 'C2 H3 O2 -1'
DA DNA linking 2'-DEOXYADENOSINE-5'-MONOPHOSPHATE 'C10 H14 N5 O6 P'
DC DNA linking 2'-DEOXYCYTIDINE-5'-MONOPHOSPHATE 'C9 H14 N3 O7 P'
DG DNA linking 2'-DEOXYGUANOSINE-5'-MONOPHOSPHATE 'C10 H14 N5 O7 P'
DT DNA linking THYMIDINE-5'-MONOPHOSPHATE 'C10 H15 N2 O8 P'
FAD non-polymer 'FLAVIN-ADENINE DINUCLEOTIDE' 'C27 H33 N9 O15 P2'
GOL non-polymer GLYCEROL 'C3 H8 O3'
SO4 non-polymer 'SULFATE ION' 'O4 S -2'
TT DNA linking '[(1R,3R,4S,9R,10S,12R,15AS,15BR,18BR,18CS)-10-HYDROXY-15A,15B-DIMETHYL-13,15,16,18-TETRAOXOHEXADECAHYDRO-8H-9,12-EPOXY-1,4-METHANO-2,5,7-TRIOXA-12A,14,17,18A-TETRAAZACYCLOHEXADECA[1,2,3,4-DEF]BIPHENYLEN-3-YL]METHYL DIHYDROGEN PHOSPHATE' 'C21 H29 N4 O13 P'
#
# COMPACT_ATOMS: atom_id res chain seq x y z
N HIS A 20 -25.39 12.41 -36.61
CA HIS A 20 -24.27 12.87 -35.72
C HIS A 20 -23.55 11.68 -35.04
N MET A 21 -23.29 10.63 -35.82
CA MET A 21 -22.77 9.37 -35.27
C MET A 21 -21.45 8.88 -35.92
N ASN A 22 -20.32 9.39 -35.45
CA ASN A 22 -19.01 9.02 -36.00
C ASN A 22 -18.63 7.60 -35.56
N PRO A 23 -18.37 6.69 -36.53
CA PRO A 23 -18.03 5.29 -36.24
C PRO A 23 -16.77 5.06 -35.41
N LYS A 24 -15.84 6.00 -35.43
CA LYS A 24 -14.59 5.87 -34.67
C LYS A 24 -14.77 6.00 -33.14
N ARG A 25 -15.94 6.43 -32.70
CA ARG A 25 -16.29 6.45 -31.28
C ARG A 25 -16.63 5.07 -30.73
N ILE A 26 -16.83 4.09 -31.60
CA ILE A 26 -17.30 2.76 -31.18
C ILE A 26 -16.44 1.61 -31.73
N ARG A 27 -16.25 0.57 -30.92
CA ARG A 27 -15.55 -0.63 -31.35
C ARG A 27 -16.09 -1.93 -30.73
N ALA A 28 -15.92 -3.03 -31.46
CA ALA A 28 -16.38 -4.33 -31.01
C ALA A 28 -15.45 -4.87 -29.93
N LEU A 29 -16.04 -5.22 -28.79
CA LEU A 29 -15.34 -5.97 -27.76
C LEU A 29 -15.43 -7.47 -28.04
N LYS A 30 -16.53 -7.89 -28.66
CA LYS A 30 -16.79 -9.30 -29.00
C LYS A 30 -17.79 -9.36 -30.16
N SER A 31 -17.52 -10.21 -31.14
CA SER A 31 -18.49 -10.55 -32.19
C SER A 31 -19.34 -11.74 -31.79
N GLY A 32 -20.56 -11.78 -32.30
CA GLY A 32 -21.47 -12.89 -32.06
C GLY A 32 -22.67 -12.73 -32.97
N LYS A 33 -23.66 -13.60 -32.83
CA LYS A 33 -24.90 -13.51 -33.58
C LYS A 33 -25.87 -12.60 -32.82
N GLN A 34 -26.36 -11.55 -33.49
CA GLN A 34 -27.31 -10.61 -32.87
C GLN A 34 -28.60 -11.35 -32.45
N GLY A 35 -29.23 -10.90 -31.36
CA GLY A 35 -30.42 -11.57 -30.82
C GLY A 35 -31.72 -10.84 -31.10
N ASP A 36 -32.82 -11.47 -30.69
CA ASP A 36 -34.17 -11.00 -30.98
C ASP A 36 -34.67 -9.89 -30.04
N GLY A 37 -34.00 -9.69 -28.91
CA GLY A 37 -34.47 -8.78 -27.87
C GLY A 37 -33.90 -7.37 -27.87
N PRO A 38 -34.07 -6.64 -26.74
CA PRO A 38 -33.68 -5.24 -26.58
C PRO A 38 -32.18 -4.98 -26.58
N VAL A 39 -31.79 -3.77 -26.99
CA VAL A 39 -30.41 -3.35 -26.87
C VAL A 39 -30.22 -2.90 -25.42
N VAL A 40 -29.22 -3.46 -24.74
CA VAL A 40 -28.93 -3.12 -23.35
C VAL A 40 -27.69 -2.24 -23.27
N TYR A 41 -27.83 -1.07 -22.68
CA TYR A 41 -26.70 -0.21 -22.35
C TYR A 41 -26.32 -0.39 -20.89
N TRP A 42 -25.21 -1.09 -20.66
CA TRP A 42 -24.57 -1.17 -19.34
C TRP A 42 -23.81 0.14 -19.05
N MET A 43 -24.52 1.03 -18.35
CA MET A 43 -23.98 2.30 -17.91
C MET A 43 -23.04 2.08 -16.73
N SER A 44 -21.91 2.78 -16.73
CA SER A 44 -20.97 2.65 -15.62
C SER A 44 -20.32 3.99 -15.25
N ARG A 45 -19.58 4.56 -16.19
CA ARG A 45 -18.85 5.80 -15.97
C ARG A 45 -19.69 7.05 -16.29
N ASP A 46 -20.69 6.94 -17.16
CA ASP A 46 -21.38 8.13 -17.69
C ASP A 46 -22.85 8.17 -17.25
N GLN A 47 -23.06 8.61 -16.01
CA GLN A 47 -24.36 8.57 -15.35
C GLN A 47 -25.22 9.80 -15.69
N ARG A 48 -25.67 9.85 -16.94
CA ARG A 48 -26.48 10.97 -17.47
C ARG A 48 -27.30 10.52 -18.67
N ALA A 49 -28.44 11.19 -18.91
CA ALA A 49 -29.33 10.92 -20.05
C ALA A 49 -29.05 11.82 -21.28
N GLU A 50 -28.64 13.05 -21.04
CA GLU A 50 -28.25 13.98 -22.11
C GLU A 50 -26.75 13.86 -22.50
N ASP A 51 -26.40 14.22 -23.74
CA ASP A 51 -24.99 14.33 -24.16
C ASP A 51 -24.14 13.09 -23.82
N ASN A 52 -24.67 11.90 -24.13
CA ASN A 52 -24.04 10.61 -23.79
C ASN A 52 -23.94 9.75 -25.06
N TRP A 53 -22.76 9.69 -25.67
CA TRP A 53 -22.59 8.95 -26.91
C TRP A 53 -22.93 7.47 -26.78
N ALA A 54 -22.72 6.87 -25.59
CA ALA A 54 -22.98 5.44 -25.39
C ALA A 54 -24.49 5.14 -25.43
N LEU A 55 -25.29 5.96 -24.77
CA LEU A 55 -26.74 5.82 -24.82
C LEU A 55 -27.31 6.13 -26.21
N LEU A 56 -26.77 7.15 -26.87
CA LEU A 56 -27.24 7.54 -28.21
C LEU A 56 -26.97 6.46 -29.28
N PHE A 57 -25.77 5.85 -29.24
CA PHE A 57 -25.43 4.75 -30.14
CA PHE A 57 -25.44 4.74 -30.13
C PHE A 57 -26.30 3.52 -29.84
N SER A 58 -26.52 3.22 -28.57
CA SER A 58 -27.42 2.11 -28.17
C SER A 58 -28.84 2.36 -28.71
N ARG A 59 -29.29 3.61 -28.64
CA ARG A 59 -30.61 3.99 -29.16
C ARG A 59 -30.70 3.86 -30.68
N ALA A 60 -29.60 4.15 -31.38
CA ALA A 60 -29.55 4.05 -32.84
C ALA A 60 -29.60 2.58 -33.30
N ILE A 61 -28.79 1.73 -32.67
CA ILE A 61 -28.80 0.28 -32.92
C ILE A 61 -30.19 -0.30 -32.72
N ALA A 62 -30.84 0.11 -31.63
CA ALA A 62 -32.20 -0.33 -31.31
C ALA A 62 -33.21 0.11 -32.37
N LYS A 63 -33.00 1.30 -32.93
CA LYS A 63 -33.90 1.85 -33.94
C LYS A 63 -33.77 1.14 -35.28
N GLU A 64 -32.55 0.79 -35.69
CA GLU A 64 -32.34 0.03 -36.93
C GLU A 64 -32.85 -1.41 -36.80
N ALA A 65 -32.77 -1.97 -35.60
CA ALA A 65 -33.29 -3.33 -35.36
C ALA A 65 -34.81 -3.38 -35.08
N ASN A 66 -35.44 -2.21 -34.96
CA ASN A 66 -36.83 -2.08 -34.50
C ASN A 66 -37.14 -2.77 -33.15
N VAL A 67 -36.33 -2.46 -32.13
CA VAL A 67 -36.50 -2.98 -30.77
C VAL A 67 -36.21 -1.85 -29.75
N PRO A 68 -36.64 -2.02 -28.49
CA PRO A 68 -36.40 -1.00 -27.45
C PRO A 68 -34.95 -0.89 -26.99
N VAL A 69 -34.61 0.25 -26.39
CA VAL A 69 -33.36 0.38 -25.62
C VAL A 69 -33.71 0.38 -24.11
N VAL A 70 -32.85 -0.27 -23.32
CA VAL A 70 -32.95 -0.23 -21.87
C VAL A 70 -31.56 -0.03 -21.29
N VAL A 71 -31.53 0.49 -20.06
CA VAL A 71 -30.29 0.80 -19.33
C VAL A 71 -30.18 -0.09 -18.09
N VAL A 72 -28.99 -0.65 -17.86
CA VAL A 72 -28.68 -1.42 -16.65
C VAL A 72 -27.41 -0.87 -15.95
N PHE A 73 -27.46 -0.87 -14.62
CA PHE A 73 -26.38 -0.35 -13.79
C PHE A 73 -26.18 -1.32 -12.63
N CYS A 74 -24.93 -1.68 -12.35
CA CYS A 74 -24.66 -2.62 -11.27
C CYS A 74 -24.03 -1.90 -10.06
N LEU A 75 -24.73 -1.96 -8.92
CA LEU A 75 -24.27 -1.42 -7.64
C LEU A 75 -23.38 -2.44 -6.93
N THR A 76 -22.07 -2.26 -6.93
CA THR A 76 -21.16 -3.24 -6.34
C THR A 76 -20.96 -2.98 -4.84
N ASP A 77 -20.21 -3.87 -4.19
CA ASP A 77 -19.73 -3.70 -2.80
C ASP A 77 -18.46 -2.82 -2.68
N GLU A 78 -18.04 -2.18 -3.79
CA GLU A 78 -16.91 -1.22 -3.76
C GLU A 78 -17.14 -0.03 -2.82
N PHE A 79 -18.41 0.42 -2.71
CA PHE A 79 -18.76 1.57 -1.85
C PHE A 79 -18.22 1.50 -0.44
N LEU A 80 -18.05 0.27 0.08
CA LEU A 80 -17.46 0.04 1.40
C LEU A 80 -16.03 0.57 1.53
N GLU A 81 -15.32 0.74 0.41
CA GLU A 81 -13.95 1.26 0.41
C GLU A 81 -13.87 2.80 0.40
N ALA A 82 -14.98 3.47 0.13
CA ALA A 82 -15.00 4.92 0.23
C ALA A 82 -15.96 5.29 1.37
N GLY A 83 -16.70 6.38 1.25
CA GLY A 83 -17.51 6.85 2.37
C GLY A 83 -18.93 7.20 2.00
N ILE A 84 -19.71 7.56 3.00
CA ILE A 84 -21.06 8.06 2.77
C ILE A 84 -21.01 9.21 1.74
N ARG A 85 -19.99 10.06 1.81
CA ARG A 85 -19.93 11.24 0.92
C ARG A 85 -20.07 10.88 -0.58
N GLN A 86 -19.27 9.93 -1.08
CA GLN A 86 -19.37 9.55 -2.52
C GLN A 86 -20.63 8.72 -2.85
N TYR A 87 -21.02 7.83 -1.92
CA TYR A 87 -22.13 6.90 -2.12
C TYR A 87 -23.46 7.67 -2.26
N GLU A 88 -23.72 8.59 -1.33
CA GLU A 88 -24.84 9.54 -1.42
C GLU A 88 -24.82 10.48 -2.65
N PHE A 89 -23.65 10.98 -3.03
CA PHE A 89 -23.55 11.82 -4.23
C PHE A 89 -23.95 11.01 -5.47
N MET A 90 -23.41 9.80 -5.63
CA MET A 90 -23.74 8.94 -6.75
C MET A 90 -25.22 8.57 -6.75
N LEU A 91 -25.71 8.05 -5.60
CA LEU A 91 -27.09 7.54 -5.51
C LEU A 91 -28.19 8.58 -5.71
N LYS A 92 -28.05 9.77 -5.14
CA LYS A 92 -29.00 10.86 -5.36
C LYS A 92 -29.09 11.23 -6.86
N GLY A 93 -27.93 11.25 -7.51
CA GLY A 93 -27.87 11.41 -8.97
C GLY A 93 -28.63 10.32 -9.70
N LEU A 94 -28.42 9.07 -9.29
CA LEU A 94 -29.08 7.92 -9.91
C LEU A 94 -30.60 7.93 -9.73
N GLN A 95 -31.08 8.47 -8.59
CA GLN A 95 -32.52 8.69 -8.35
C GLN A 95 -33.14 9.71 -9.31
N GLU A 96 -32.42 10.79 -9.60
CA GLU A 96 -32.83 11.79 -10.60
C GLU A 96 -32.74 11.26 -12.03
N LEU A 97 -31.73 10.45 -12.32
CA LEU A 97 -31.55 9.82 -13.64
C LEU A 97 -32.66 8.84 -13.99
N GLU A 98 -33.09 8.08 -12.98
CA GLU A 98 -34.19 7.11 -13.10
C GLU A 98 -35.46 7.78 -13.61
N VAL A 99 -35.74 8.96 -13.07
CA VAL A 99 -36.86 9.80 -13.52
C VAL A 99 -36.64 10.42 -14.93
N SER A 100 -35.42 10.88 -15.25
CA SER A 100 -35.14 11.40 -16.61
C SER A 100 -35.34 10.34 -17.69
N LEU A 101 -34.75 9.17 -17.48
CA LEU A 101 -34.87 8.07 -18.45
C LEU A 101 -36.34 7.67 -18.64
N SER A 102 -37.13 7.71 -17.56
CA SER A 102 -38.58 7.42 -17.62
C SER A 102 -39.41 8.37 -18.49
N ARG A 103 -39.06 9.65 -18.51
CA ARG A 103 -39.68 10.60 -19.45
C ARG A 103 -39.34 10.30 -20.91
N LYS A 104 -38.21 9.63 -21.15
CA LYS A 104 -37.84 9.13 -22.49
C LYS A 104 -38.38 7.72 -22.75
N LYS A 105 -39.33 7.28 -21.92
CA LYS A 105 -39.84 5.89 -21.92
C LYS A 105 -38.70 4.82 -21.98
N ILE A 106 -37.56 5.14 -21.36
CA ILE A 106 -36.42 4.23 -21.30
C ILE A 106 -36.37 3.64 -19.88
N PRO A 107 -36.61 2.31 -19.75
CA PRO A 107 -36.53 1.72 -18.43
C PRO A 107 -35.10 1.50 -17.97
N SER A 108 -34.92 1.51 -16.64
CA SER A 108 -33.60 1.30 -16.02
C SER A 108 -33.68 0.18 -14.97
N PHE A 109 -32.68 -0.68 -14.98
CA PHE A 109 -32.60 -1.80 -14.04
C PHE A 109 -31.34 -1.66 -13.18
N PHE A 110 -31.50 -1.77 -11.86
CA PHE A 110 -30.39 -1.57 -10.92
C PHE A 110 -30.08 -2.87 -10.21
N LEU A 111 -28.95 -3.47 -10.58
CA LEU A 111 -28.53 -4.76 -10.07
C LEU A 111 -27.57 -4.55 -8.90
N ARG A 112 -27.47 -5.57 -8.03
CA ARG A 112 -26.54 -5.57 -6.90
C ARG A 112 -25.62 -6.78 -6.93
N GLY A 113 -24.32 -6.55 -6.79
CA GLY A 113 -23.35 -7.63 -6.81
C GLY A 113 -22.21 -7.40 -7.78
N ASP A 114 -21.53 -8.48 -8.14
CA ASP A 114 -20.36 -8.46 -9.02
C ASP A 114 -20.81 -8.38 -10.50
N PRO A 115 -20.42 -7.31 -11.22
CA PRO A 115 -20.82 -7.16 -12.63
C PRO A 115 -20.48 -8.33 -13.55
N GLY A 116 -19.35 -8.98 -13.32
CA GLY A 116 -18.91 -10.10 -14.16
C GLY A 116 -19.95 -11.20 -14.26
N GLU A 117 -20.60 -11.48 -13.14
CA GLU A 117 -21.70 -12.46 -13.07
C GLU A 117 -23.07 -11.86 -13.40
N LYS A 118 -23.35 -10.66 -12.89
CA LYS A 118 -24.69 -10.06 -12.90
C LYS A 118 -25.10 -9.51 -14.27
N ILE A 119 -24.14 -8.98 -15.04
CA ILE A 119 -24.43 -8.52 -16.40
C ILE A 119 -24.63 -9.71 -17.35
N SER A 120 -23.82 -10.75 -17.21
CA SER A 120 -24.02 -12.02 -17.94
C SER A 120 -25.43 -12.56 -17.71
N ARG A 121 -25.83 -12.69 -16.45
CA ARG A 121 -27.11 -13.31 -16.10
C ARG A 121 -28.28 -12.47 -16.63
N PHE A 122 -28.13 -11.15 -16.58
CA PHE A 122 -29.16 -10.22 -17.06
C PHE A 122 -29.32 -10.30 -18.58
N VAL A 123 -28.22 -10.40 -19.31
CA VAL A 123 -28.27 -10.59 -20.77
C VAL A 123 -29.03 -11.89 -21.14
N LYS A 124 -28.87 -12.95 -20.37
CA LYS A 124 -29.59 -14.21 -20.63
C LYS A 124 -31.04 -14.13 -20.15
N ASP A 125 -31.26 -13.71 -18.90
CA ASP A 125 -32.62 -13.65 -18.32
C ASP A 125 -33.52 -12.71 -19.12
N TYR A 126 -32.94 -11.66 -19.70
CA TYR A 126 -33.71 -10.60 -20.36
C TYR A 126 -33.75 -10.75 -21.89
N ASN A 127 -33.12 -11.81 -22.40
CA ASN A 127 -33.03 -12.07 -23.84
C ASN A 127 -32.50 -10.91 -24.71
N ALA A 128 -31.35 -10.36 -24.32
CA ALA A 128 -30.79 -9.18 -24.98
C ALA A 128 -30.27 -9.50 -26.38
N GLY A 129 -30.40 -8.52 -27.29
CA GLY A 129 -29.92 -8.66 -28.65
C GLY A 129 -28.49 -8.17 -28.87
N THR A 130 -28.14 -7.08 -28.20
CA THR A 130 -26.83 -6.45 -28.27
C THR A 130 -26.49 -5.80 -26.93
N LEU A 131 -25.24 -5.93 -26.46
CA LEU A 131 -24.77 -5.26 -25.25
C LEU A 131 -23.86 -4.08 -25.65
N VAL A 132 -24.03 -2.95 -24.98
CA VAL A 132 -23.19 -1.77 -25.20
C VAL A 132 -22.79 -1.21 -23.84
N THR A 133 -21.53 -0.83 -23.69
CA THR A 133 -21.06 -0.19 -22.46
C THR A 133 -20.25 1.07 -22.81
N ASP A 134 -20.01 1.92 -21.80
CA ASP A 134 -19.19 3.12 -21.99
C ASP A 134 -17.74 2.77 -21.68
N PHE A 135 -16.82 3.74 -21.80
CA PHE A 135 -15.36 3.49 -21.73
C PHE A 135 -14.71 3.98 -20.46
N SER A 136 -13.96 3.08 -19.81
CA SER A 136 -13.07 3.42 -18.72
C SER A 136 -11.73 2.69 -18.88
N PRO A 137 -10.59 3.41 -18.66
CA PRO A 137 -9.26 2.75 -18.69
C PRO A 137 -8.79 2.09 -17.38
N LEU A 138 -9.63 2.08 -16.35
CA LEU A 138 -9.27 1.47 -15.06
C LEU A 138 -9.35 -0.07 -15.13
N ARG A 139 -8.39 -0.73 -14.50
CA ARG A 139 -8.24 -2.18 -14.53
C ARG A 139 -9.52 -2.93 -14.27
N ILE A 140 -10.24 -2.55 -13.21
CA ILE A 140 -11.34 -3.35 -12.74
C ILE A 140 -12.44 -3.41 -13.80
N LYS A 141 -12.65 -2.33 -14.55
CA LYS A 141 -13.61 -2.37 -15.66
C LYS A 141 -13.19 -3.44 -16.69
N ASN A 142 -11.91 -3.51 -17.00
CA ASN A 142 -11.39 -4.48 -17.96
C ASN A 142 -11.61 -5.91 -17.46
N GLN A 143 -11.37 -6.15 -16.17
CA GLN A 143 -11.66 -7.44 -15.53
C GLN A 143 -13.13 -7.87 -15.73
N TRP A 144 -14.06 -6.94 -15.47
CA TRP A 144 -15.49 -7.23 -15.64
C TRP A 144 -15.85 -7.53 -17.10
N ILE A 145 -15.37 -6.71 -18.04
CA ILE A 145 -15.57 -6.96 -19.48
C ILE A 145 -15.10 -8.36 -19.88
N GLU A 146 -13.90 -8.75 -19.43
CA GLU A 146 -13.35 -10.08 -19.75
C GLU A 146 -14.30 -11.22 -19.26
N LYS A 147 -14.84 -11.06 -18.06
CA LYS A 147 -15.78 -12.01 -17.45
C LYS A 147 -17.13 -12.05 -18.19
N VAL A 148 -17.63 -10.88 -18.55
CA VAL A 148 -18.90 -10.74 -19.27
C VAL A 148 -18.82 -11.34 -20.69
N ILE A 149 -17.68 -11.13 -21.37
CA ILE A 149 -17.38 -11.74 -22.68
C ILE A 149 -17.41 -13.27 -22.64
N SER A 150 -16.91 -13.84 -21.55
CA SER A 150 -16.83 -15.29 -21.39
CA SER A 150 -16.84 -15.30 -21.38
C SER A 150 -18.21 -15.90 -21.15
N GLY A 151 -19.16 -15.08 -20.68
CA GLY A 151 -20.50 -15.55 -20.33
C GLY A 151 -21.65 -15.14 -21.22
N ILE A 152 -21.38 -14.58 -22.41
CA ILE A 152 -22.44 -14.18 -23.36
C ILE A 152 -22.16 -14.69 -24.78
N SER A 153 -23.18 -14.64 -25.63
CA SER A 153 -23.03 -15.08 -27.03
C SER A 153 -23.45 -14.02 -28.08
N ILE A 154 -23.82 -12.83 -27.60
CA ILE A 154 -24.29 -11.72 -28.44
C ILE A 154 -23.17 -10.71 -28.67
N PRO A 155 -23.32 -9.85 -29.69
CA PRO A 155 -22.34 -8.79 -29.93
C PRO A 155 -22.22 -7.83 -28.73
N PHE A 156 -20.99 -7.36 -28.48
CA PHE A 156 -20.68 -6.46 -27.34
C PHE A 156 -19.84 -5.29 -27.86
N PHE A 157 -20.36 -4.06 -27.76
CA PHE A 157 -19.61 -2.85 -28.17
C PHE A 157 -19.23 -1.94 -26.99
N GLU A 158 -18.17 -1.17 -27.19
CA GLU A 158 -17.71 -0.14 -26.27
C GLU A 158 -17.80 1.22 -26.98
N VAL A 159 -18.30 2.24 -26.30
CA VAL A 159 -18.34 3.60 -26.82
C VAL A 159 -17.67 4.57 -25.82
N ASP A 160 -16.72 5.38 -26.31
CA ASP A 160 -16.09 6.41 -25.48
C ASP A 160 -17.05 7.61 -25.40
N ALA A 161 -17.77 7.68 -24.29
CA ALA A 161 -18.71 8.76 -23.97
C ALA A 161 -18.08 9.81 -23.08
N HIS A 162 -16.86 9.57 -22.59
CA HIS A 162 -16.21 10.47 -21.62
C HIS A 162 -15.22 11.49 -22.22
N ASN A 163 -14.53 11.09 -23.30
CA ASN A 163 -13.55 11.92 -24.01
C ASN A 163 -14.12 12.51 -25.31
N VAL A 164 -13.66 13.70 -25.69
CA VAL A 164 -14.07 14.36 -26.92
C VAL A 164 -13.50 13.58 -28.13
N VAL A 165 -12.21 13.24 -28.06
CA VAL A 165 -11.57 12.35 -29.03
C VAL A 165 -11.45 10.96 -28.38
N PRO A 166 -11.99 9.92 -29.04
CA PRO A 166 -11.88 8.58 -28.45
C PRO A 166 -10.43 8.24 -28.09
N CYS A 167 -10.26 7.71 -26.87
CA CYS A 167 -8.93 7.48 -26.27
C CYS A 167 -7.96 6.71 -27.21
N TRP A 168 -8.44 5.60 -27.76
CA TRP A 168 -7.66 4.80 -28.71
C TRP A 168 -7.36 5.50 -30.07
N GLU A 169 -8.09 6.59 -30.40
CA GLU A 169 -7.85 7.40 -31.62
C GLU A 169 -6.85 8.56 -31.43
N ALA A 170 -6.92 9.22 -30.29
CA ALA A 170 -6.08 10.40 -30.02
C ALA A 170 -4.58 10.05 -30.17
N SER A 171 -4.22 8.88 -29.65
CA SER A 171 -2.88 8.33 -29.77
C SER A 171 -2.92 6.82 -29.59
N GLN A 172 -2.01 6.14 -30.29
CA GLN A 172 -1.88 4.70 -30.24
C GLN A 172 -0.80 4.24 -29.23
N LYS A 173 -0.26 5.19 -28.45
CA LYS A 173 0.73 4.86 -27.42
C LYS A 173 0.69 5.83 -26.21
N HIS A 174 1.40 5.44 -25.15
CA HIS A 174 1.69 6.31 -24.01
C HIS A 174 2.41 7.58 -24.48
N GLU A 175 1.93 8.74 -24.05
CA GLU A 175 2.61 10.01 -24.35
C GLU A 175 3.42 10.48 -23.13
N TYR A 176 4.71 10.74 -23.32
CA TYR A 176 5.63 11.17 -22.25
C TYR A 176 5.32 12.56 -21.69
N ALA A 177 4.72 13.42 -22.52
CA ALA A 177 4.46 14.81 -22.16
C ALA A 177 3.18 15.37 -22.79
N ALA A 178 2.59 16.37 -22.15
CA ALA A 178 1.49 17.13 -22.75
C ALA A 178 1.89 17.73 -24.13
N HIS A 179 3.16 18.09 -24.29
CA HIS A 179 3.60 18.73 -25.52
C HIS A 179 3.69 17.80 -26.75
N THR A 180 3.74 16.48 -26.55
CA THR A 180 3.56 15.57 -27.69
C THR A 180 2.08 15.21 -27.93
N PHE A 181 1.30 15.11 -26.85
CA PHE A 181 -0.14 14.79 -26.94
C PHE A 181 -0.93 15.93 -27.55
N ARG A 182 -0.62 17.17 -27.12
CA ARG A 182 -1.38 18.35 -27.48
C ARG A 182 -1.60 18.54 -28.98
N PRO A 183 -0.53 18.46 -29.82
CA PRO A 183 -0.77 18.60 -31.26
C PRO A 183 -1.60 17.49 -31.87
N LYS A 184 -1.44 16.26 -31.37
CA LYS A 184 -2.24 15.13 -31.90
C LYS A 184 -3.75 15.27 -31.57
N LEU A 185 -4.09 15.70 -30.34
CA LEU A 185 -5.50 15.93 -29.91
C LEU A 185 -6.12 17.11 -30.66
N TYR A 186 -5.41 18.23 -30.69
CA TYR A 186 -5.92 19.43 -31.32
C TYR A 186 -6.08 19.28 -32.83
N ALA A 187 -5.25 18.48 -33.50
CA ALA A 187 -5.46 18.19 -34.95
C ALA A 187 -6.79 17.47 -35.25
N LEU A 188 -7.34 16.78 -34.24
CA LEU A 188 -8.54 15.94 -34.38
C LEU A 188 -9.82 16.61 -33.86
N LEU A 189 -9.69 17.82 -33.29
CA LEU A 189 -10.85 18.58 -32.80
C LEU A 189 -11.84 19.01 -33.90
N PRO A 190 -11.34 19.48 -35.06
CA PRO A 190 -12.34 19.85 -36.07
C PRO A 190 -13.29 18.71 -36.46
N GLU A 191 -12.79 17.47 -36.40
CA GLU A 191 -13.61 16.29 -36.64
C GLU A 191 -14.50 15.94 -35.42
N PHE A 192 -13.89 15.82 -34.23
CA PHE A 192 -14.59 15.20 -33.10
C PHE A 192 -15.34 16.14 -32.15
N LEU A 193 -15.04 17.45 -32.19
CA LEU A 193 -15.78 18.41 -31.39
C LEU A 193 -17.00 18.83 -32.19
N GLU A 194 -18.16 18.35 -31.76
CA GLU A 194 -19.42 18.60 -32.47
C GLU A 194 -20.56 18.62 -31.48
N GLU A 195 -21.71 19.15 -31.89
CA GLU A 195 -22.92 19.13 -31.05
C GLU A 195 -23.50 17.70 -30.95
N PHE A 196 -24.35 17.49 -29.95
CA PHE A 196 -25.00 16.19 -29.71
C PHE A 196 -26.40 16.20 -30.30
N PRO A 197 -26.84 15.08 -30.93
CA PRO A 197 -28.26 14.99 -31.28
C PRO A 197 -29.12 14.76 -30.03
N GLU A 198 -30.42 14.97 -30.18
CA GLU A 198 -31.34 14.78 -29.07
C GLU A 198 -31.57 13.29 -28.94
N LEU A 199 -31.73 12.78 -27.72
CA LEU A 199 -32.07 11.36 -27.52
C LEU A 199 -33.57 11.13 -27.83
N GLU A 200 -33.82 10.25 -28.80
CA GLU A 200 -35.17 9.90 -29.22
C GLU A 200 -35.79 8.93 -28.21
N PRO A 201 -37.04 9.20 -27.74
CA PRO A 201 -37.70 8.27 -26.81
C PRO A 201 -37.94 6.89 -27.43
N ASN A 202 -38.15 5.89 -26.59
CA ASN A 202 -38.61 4.59 -27.08
C ASN A 202 -40.00 4.73 -27.73
N SER A 203 -40.23 3.96 -28.79
CA SER A 203 -41.55 3.79 -29.39
C SER A 203 -41.99 2.32 -29.35
N VAL A 204 -41.02 1.40 -29.34
CA VAL A 204 -41.28 -0.04 -29.19
C VAL A 204 -41.16 -0.41 -27.70
N GLU A 216 -34.81 -2.97 -2.68
CA GLU A 216 -35.55 -2.97 -3.95
C GLU A 216 -35.43 -1.61 -4.64
N THR A 217 -36.06 -0.59 -4.05
CA THR A 217 -35.92 0.78 -4.53
C THR A 217 -34.46 1.23 -4.34
N LEU A 218 -34.09 2.34 -4.98
CA LEU A 218 -32.79 2.97 -4.72
C LEU A 218 -32.73 3.55 -3.30
N SER A 219 -33.89 3.98 -2.79
CA SER A 219 -34.03 4.45 -1.40
C SER A 219 -33.60 3.41 -0.39
N ASP A 220 -34.10 2.18 -0.56
CA ASP A 220 -33.74 1.03 0.31
C ASP A 220 -32.25 0.64 0.20
N VAL A 221 -31.73 0.66 -1.02
CA VAL A 221 -30.29 0.46 -1.25
C VAL A 221 -29.44 1.56 -0.59
N LEU A 222 -29.86 2.83 -0.72
CA LEU A 222 -29.15 3.95 -0.06
C LEU A 222 -29.10 3.79 1.46
N GLU A 223 -30.26 3.50 2.06
CA GLU A 223 -30.40 3.34 3.51
C GLU A 223 -29.50 2.22 4.06
N THR A 224 -29.61 1.03 3.46
CA THR A 224 -28.77 -0.13 3.79
C THR A 224 -27.28 0.16 3.70
N GLY A 225 -26.87 0.80 2.61
CA GLY A 225 -25.47 1.17 2.39
C GLY A 225 -24.91 2.17 3.40
N VAL A 226 -25.71 3.20 3.70
CA VAL A 226 -25.35 4.21 4.71
C VAL A 226 -25.18 3.59 6.11
N LYS A 227 -26.05 2.63 6.46
CA LYS A 227 -25.93 1.90 7.74
C LYS A 227 -24.65 1.06 7.81
N ALA A 228 -24.33 0.36 6.73
CA ALA A 228 -23.09 -0.43 6.62
C ALA A 228 -21.80 0.41 6.80
N LEU A 229 -21.83 1.66 6.32
CA LEU A 229 -20.67 2.58 6.37
C LEU A 229 -20.62 3.45 7.64
N LEU A 230 -21.73 3.55 8.37
CA LEU A 230 -21.87 4.48 9.50
C LEU A 230 -20.76 4.38 10.58
N PRO A 231 -20.24 3.15 10.88
CA PRO A 231 -19.19 3.06 11.93
C PRO A 231 -17.80 3.56 11.53
N GLU A 232 -17.62 3.93 10.26
CA GLU A 232 -16.33 4.41 9.73
C GLU A 232 -16.41 5.87 9.21
N ARG A 233 -17.50 6.57 9.55
CA ARG A 233 -17.75 7.94 9.10
C ARG A 233 -16.74 8.94 9.70
N ALA A 234 -16.37 9.98 8.95
CA ALA A 234 -15.42 11.02 9.45
C ALA A 234 -16.06 11.95 10.52
N LEU A 235 -15.56 11.86 11.76
CA LEU A 235 -16.12 12.60 12.91
C LEU A 235 -15.10 13.58 13.50
N LEU A 236 -15.60 14.74 13.97
CA LEU A 236 -14.84 15.64 14.85
C LEU A 236 -14.67 14.98 16.23
N LYS A 237 -13.93 15.64 17.12
CA LYS A 237 -13.75 15.16 18.50
C LYS A 237 -15.07 15.06 19.31
N ASN A 238 -16.07 15.88 18.96
CA ASN A 238 -17.40 15.82 19.60
C ASN A 238 -18.39 14.77 19.05
N LYS A 239 -18.00 14.06 17.98
CA LYS A 239 -18.82 12.99 17.35
C LYS A 239 -19.75 13.51 16.26
N ASP A 240 -19.75 14.83 16.04
CA ASP A 240 -20.50 15.46 14.93
C ASP A 240 -19.68 15.26 13.63
N PRO A 241 -20.36 14.87 12.53
CA PRO A 241 -19.66 14.58 11.27
C PRO A 241 -18.82 15.73 10.70
N LEU A 242 -17.66 15.39 10.13
CA LEU A 242 -16.80 16.37 9.45
C LEU A 242 -17.36 16.84 8.10
N PHE A 243 -17.98 15.94 7.34
CA PHE A 243 -18.37 16.26 5.96
C PHE A 243 -19.51 17.28 5.90
N GLU A 244 -19.35 18.25 5.00
CA GLU A 244 -20.35 19.28 4.77
C GLU A 244 -20.96 19.11 3.37
N PRO A 245 -22.22 18.64 3.30
CA PRO A 245 -22.83 18.29 2.02
C PRO A 245 -23.42 19.44 1.20
N TRP A 246 -23.37 20.68 1.68
CA TRP A 246 -24.01 21.80 0.97
C TRP A 246 -23.15 22.51 -0.09
N HIS A 247 -21.90 22.09 -0.26
CA HIS A 247 -21.01 22.75 -1.23
C HIS A 247 -21.27 22.39 -2.71
N PHE A 248 -21.67 21.15 -2.96
CA PHE A 248 -21.93 20.64 -4.30
C PHE A 248 -23.19 19.76 -4.26
N GLU A 249 -24.30 20.26 -4.79
CA GLU A 249 -25.54 19.50 -4.84
C GLU A 249 -25.44 18.54 -6.03
N PRO A 250 -25.74 17.23 -5.81
CA PRO A 250 -25.60 16.21 -6.87
C PRO A 250 -26.63 16.27 -7.99
N GLY A 251 -26.24 15.71 -9.14
CA GLY A 251 -27.18 15.47 -10.23
C GLY A 251 -26.96 16.27 -11.51
N GLU A 252 -27.54 15.74 -12.58
CA GLU A 252 -27.40 16.30 -13.94
C GLU A 252 -27.94 17.74 -14.03
N LYS A 253 -29.08 18.05 -13.41
CA LYS A 253 -29.59 19.43 -13.38
C LYS A 253 -28.71 20.41 -12.61
N ALA A 254 -28.21 20.01 -11.45
CA ALA A 254 -27.25 20.81 -10.68
C ALA A 254 -25.89 21.00 -11.41
N ALA A 255 -25.41 19.96 -12.08
CA ALA A 255 -24.15 20.04 -12.87
C ALA A 255 -24.20 21.18 -13.89
N LYS A 256 -25.30 21.23 -14.62
CA LYS A 256 -25.51 22.24 -15.64
C LYS A 256 -25.55 23.66 -15.04
N LYS A 257 -26.16 23.82 -13.87
CA LYS A 257 -26.20 25.11 -13.16
C LYS A 257 -24.81 25.59 -12.76
N VAL A 258 -23.99 24.64 -12.31
CA VAL A 258 -22.58 24.93 -12.00
C VAL A 258 -21.78 25.31 -13.27
N MET A 259 -22.02 24.60 -14.38
CA MET A 259 -21.35 24.94 -15.64
C MET A 259 -21.69 26.38 -16.04
N GLU A 260 -22.98 26.72 -15.96
CA GLU A 260 -23.47 28.02 -16.33
C GLU A 260 -22.97 29.16 -15.44
N SER A 261 -22.84 28.91 -14.13
CA SER A 261 -22.29 29.94 -13.23
C SER A 261 -20.78 30.08 -13.36
N PHE A 262 -20.07 29.00 -13.71
CA PHE A 262 -18.65 29.13 -14.08
C PHE A 262 -18.50 30.14 -15.25
N ILE A 263 -19.26 29.93 -16.31
CA ILE A 263 -19.17 30.80 -17.50
C ILE A 263 -19.51 32.25 -17.15
N ALA A 264 -20.60 32.47 -16.39
CA ALA A 264 -21.03 33.83 -16.02
C ALA A 264 -20.13 34.54 -15.02
N ASP A 265 -19.65 33.83 -14.00
CA ASP A 265 -19.06 34.48 -12.83
C ASP A 265 -17.58 34.20 -12.56
N ARG A 266 -17.05 33.08 -13.05
CA ARG A 266 -15.69 32.67 -12.69
C ARG A 266 -14.68 32.59 -13.88
N LEU A 267 -15.14 32.21 -15.08
CA LEU A 267 -14.29 32.10 -16.29
C LEU A 267 -13.38 33.32 -16.59
N ASP A 268 -13.95 34.53 -16.52
CA ASP A 268 -13.14 35.71 -16.84
C ASP A 268 -11.82 35.79 -16.06
N SER A 269 -11.87 35.55 -14.76
CA SER A 269 -10.71 35.59 -13.86
C SER A 269 -9.94 34.28 -13.70
N TYR A 270 -10.40 33.20 -14.34
CA TYR A 270 -9.75 31.87 -14.26
C TYR A 270 -8.25 31.91 -14.63
N GLY A 271 -7.91 32.53 -15.75
CA GLY A 271 -6.50 32.63 -16.17
C GLY A 271 -5.60 33.22 -15.09
N ALA A 272 -6.05 34.28 -14.42
CA ALA A 272 -5.27 34.94 -13.37
C ALA A 272 -5.29 34.23 -12.01
N LEU A 273 -6.43 33.64 -11.62
CA LEU A 273 -6.65 33.23 -10.23
C LEU A 273 -6.80 31.71 -9.99
N ARG A 274 -6.72 30.90 -11.04
CA ARG A 274 -6.88 29.43 -10.92
C ARG A 274 -5.87 28.75 -9.98
N ASN A 275 -4.70 29.36 -9.77
CA ASN A 275 -3.75 28.85 -8.78
C ASN A 275 -3.72 29.60 -7.43
N ASP A 276 -4.81 30.31 -7.10
CA ASP A 276 -4.95 30.99 -5.81
C ASP A 276 -6.08 30.32 -5.01
N PRO A 277 -5.72 29.42 -4.05
CA PRO A 277 -6.75 28.67 -3.31
C PRO A 277 -7.63 29.45 -2.33
N THR A 278 -7.35 30.74 -2.10
CA THR A 278 -8.20 31.60 -1.27
C THR A 278 -9.35 32.19 -2.10
N LYS A 279 -9.31 31.99 -3.43
CA LYS A 279 -10.39 32.41 -4.34
C LYS A 279 -11.22 31.22 -4.87
N ASN A 280 -12.53 31.38 -4.93
CA ASN A 280 -13.41 30.35 -5.53
C ASN A 280 -13.56 30.68 -7.00
N MET A 281 -12.53 30.38 -7.78
CA MET A 281 -12.52 30.72 -9.22
C MET A 281 -12.33 29.52 -10.16
N LEU A 282 -12.32 28.30 -9.62
CA LEU A 282 -12.35 27.10 -10.44
C LEU A 282 -13.77 26.83 -10.91
N SER A 283 -13.94 25.90 -11.84
CA SER A 283 -15.26 25.61 -12.36
C SER A 283 -16.15 24.90 -11.34
N ASN A 284 -15.51 24.13 -10.44
CA ASN A 284 -16.20 23.22 -9.50
C ASN A 284 -16.89 22.02 -10.16
N LEU A 285 -16.44 21.66 -11.36
CA LEU A 285 -17.14 20.65 -12.13
C LEU A 285 -16.67 19.22 -11.86
N SER A 286 -15.47 19.02 -11.29
CA SER A 286 -14.87 17.67 -11.18
C SER A 286 -15.74 16.57 -10.55
N PRO A 287 -16.55 16.87 -9.51
CA PRO A 287 -17.39 15.77 -9.01
C PRO A 287 -18.43 15.27 -10.02
N TYR A 288 -19.03 16.21 -10.75
CA TYR A 288 -20.02 15.89 -11.80
C TYR A 288 -19.34 15.21 -12.99
N LEU A 289 -18.17 15.69 -13.36
CA LEU A 289 -17.42 15.07 -14.46
C LEU A 289 -16.99 13.65 -14.10
N HIS A 290 -16.59 13.43 -12.86
CA HIS A 290 -16.11 12.10 -12.44
C HIS A 290 -17.20 11.03 -12.58
N PHE A 291 -18.42 11.34 -12.10
CA PHE A 291 -19.56 10.42 -12.19
C PHE A 291 -20.23 10.46 -13.55
N GLY A 292 -19.80 11.36 -14.43
CA GLY A 292 -20.41 11.50 -15.74
C GLY A 292 -21.80 12.11 -15.68
N GLN A 293 -22.09 12.86 -14.61
CA GLN A 293 -23.35 13.63 -14.50
C GLN A 293 -23.42 14.82 -15.47
N ILE A 294 -22.28 15.17 -16.08
CA ILE A 294 -22.20 16.18 -17.14
C ILE A 294 -21.10 15.76 -18.14
N SER A 295 -21.32 16.04 -19.42
CA SER A 295 -20.35 15.72 -20.51
C SER A 295 -19.23 16.78 -20.56
N SER A 296 -17.94 16.37 -20.62
CA SER A 296 -16.88 17.37 -20.85
C SER A 296 -16.94 18.01 -22.26
N GLN A 297 -17.32 17.21 -23.27
CA GLN A 297 -17.59 17.72 -24.62
C GLN A 297 -18.61 18.86 -24.60
N ARG A 298 -19.71 18.70 -23.84
CA ARG A 298 -20.69 19.79 -23.60
C ARG A 298 -20.04 21.03 -22.99
N VAL A 299 -19.31 20.88 -21.88
CA VAL A 299 -18.58 21.99 -21.25
C VAL A 299 -17.67 22.73 -22.26
N VAL A 300 -16.90 21.97 -23.05
CA VAL A 300 -16.03 22.52 -24.10
C VAL A 300 -16.82 23.29 -25.17
N LEU A 301 -17.95 22.75 -25.63
CA LEU A 301 -18.80 23.46 -26.60
C LEU A 301 -19.25 24.83 -26.07
N GLU A 302 -19.69 24.86 -24.81
CA GLU A 302 -20.22 26.08 -24.23
C GLU A 302 -19.12 27.11 -23.92
N VAL A 303 -17.99 26.66 -23.38
CA VAL A 303 -16.86 27.54 -23.11
C VAL A 303 -16.23 28.12 -24.42
N GLU A 304 -16.13 27.30 -25.47
CA GLU A 304 -15.67 27.80 -26.81
C GLU A 304 -16.50 28.97 -27.32
N LYS A 305 -17.81 28.90 -27.12
CA LYS A 305 -18.73 29.92 -27.61
C LYS A 305 -18.91 31.11 -26.65
N ALA A 306 -18.43 31.01 -25.43
CA ALA A 306 -18.51 32.12 -24.48
C ALA A 306 -17.57 33.23 -24.94
N GLU A 307 -18.04 34.48 -24.93
CA GLU A 307 -17.13 35.61 -25.08
C GLU A 307 -16.59 36.01 -23.72
N SER A 308 -15.30 35.74 -23.51
CA SER A 308 -14.63 35.99 -22.24
C SER A 308 -13.14 36.24 -22.47
N ASN A 309 -12.37 36.34 -21.39
CA ASN A 309 -10.93 36.57 -21.46
C ASN A 309 -10.25 35.46 -22.28
N PRO A 310 -9.57 35.80 -23.41
CA PRO A 310 -8.92 34.78 -24.26
C PRO A 310 -7.88 33.89 -23.57
N GLY A 311 -7.06 34.47 -22.69
CA GLY A 311 -6.13 33.69 -21.85
C GLY A 311 -6.80 32.71 -20.88
N SER A 312 -7.94 33.11 -20.30
CA SER A 312 -8.71 32.23 -19.41
C SER A 312 -9.30 31.03 -20.14
N LYS A 313 -9.89 31.29 -21.32
CA LYS A 313 -10.47 30.24 -22.15
C LYS A 313 -9.40 29.20 -22.59
N LYS A 314 -8.27 29.69 -23.05
CA LYS A 314 -7.15 28.85 -23.44
C LYS A 314 -6.60 28.01 -22.27
N ALA A 315 -6.43 28.63 -21.10
CA ALA A 315 -5.97 27.89 -19.92
C ALA A 315 -6.98 26.82 -19.52
N PHE A 316 -8.25 27.20 -19.40
CA PHE A 316 -9.31 26.26 -19.04
C PHE A 316 -9.49 25.11 -20.05
N LEU A 317 -9.52 25.41 -21.35
CA LEU A 317 -9.69 24.37 -22.37
C LEU A 317 -8.52 23.37 -22.39
N ASP A 318 -7.29 23.85 -22.17
CA ASP A 318 -6.13 22.97 -22.06
C ASP A 318 -6.23 22.00 -20.89
N GLU A 319 -6.79 22.45 -19.76
CA GLU A 319 -7.04 21.58 -18.60
C GLU A 319 -8.10 20.49 -18.86
N ILE A 320 -9.26 20.89 -19.39
CA ILE A 320 -10.36 19.93 -19.62
C ILE A 320 -10.17 19.05 -20.87
N LEU A 321 -9.38 19.51 -21.82
CA LEU A 321 -9.06 18.71 -23.03
C LEU A 321 -7.74 17.95 -22.87
N ILE A 322 -6.60 18.65 -22.78
CA ILE A 322 -5.27 17.98 -22.79
C ILE A 322 -4.98 17.23 -21.48
N TRP A 323 -5.09 17.88 -20.33
CA TRP A 323 -4.73 17.23 -19.08
C TRP A 323 -5.70 16.12 -18.66
N LYS A 324 -7.00 16.34 -18.84
CA LYS A 324 -7.99 15.30 -18.57
C LYS A 324 -7.82 14.09 -19.49
N GLU A 325 -7.72 14.34 -20.80
CA GLU A 325 -7.66 13.24 -21.77
C GLU A 325 -6.28 12.54 -21.79
N ILE A 326 -5.21 13.24 -21.42
CA ILE A 326 -3.90 12.59 -21.28
C ILE A 326 -3.86 11.69 -20.06
N SER A 327 -4.72 11.92 -19.05
CA SER A 327 -4.84 11.03 -17.89
C SER A 327 -5.45 9.67 -18.25
N ASP A 328 -6.44 9.67 -19.15
CA ASP A 328 -6.96 8.41 -19.75
C ASP A 328 -5.88 7.69 -20.60
N ASN A 329 -5.13 8.44 -21.39
CA ASN A 329 -3.98 7.88 -22.12
C ASN A 329 -3.03 7.17 -21.17
N PHE A 330 -2.70 7.81 -20.06
CA PHE A 330 -1.77 7.25 -19.07
C PHE A 330 -2.29 5.93 -18.52
N CYS A 331 -3.53 5.89 -18.04
CA CYS A 331 -4.08 4.67 -17.44
C CYS A 331 -4.30 3.57 -18.50
N TYR A 332 -4.73 3.97 -19.70
CA TYR A 332 -5.02 3.05 -20.79
C TYR A 332 -3.77 2.31 -21.33
N TYR A 333 -2.63 3.00 -21.42
CA TYR A 333 -1.41 2.38 -21.95
C TYR A 333 -0.39 1.95 -20.87
N ASN A 334 -0.70 2.20 -19.60
CA ASN A 334 0.15 1.78 -18.46
C ASN A 334 -0.70 1.10 -17.35
N PRO A 335 -0.91 -0.23 -17.44
CA PRO A 335 -1.77 -0.87 -16.44
C PRO A 335 -1.28 -0.86 -14.97
N GLY A 336 -0.01 -0.53 -14.74
CA GLY A 336 0.53 -0.28 -13.40
C GLY A 336 0.46 1.19 -12.97
N TYR A 337 -0.60 1.90 -13.40
CA TYR A 337 -0.71 3.38 -13.28
C TYR A 337 -0.73 3.90 -11.84
N ASP A 338 -1.02 3.01 -10.89
CA ASP A 338 -1.08 3.35 -9.47
C ASP A 338 0.14 2.83 -8.74
N GLY A 339 1.23 2.60 -9.45
CA GLY A 339 2.47 2.08 -8.84
C GLY A 339 3.75 2.75 -9.31
N PHE A 340 4.79 2.59 -8.48
CA PHE A 340 6.14 3.10 -8.74
C PHE A 340 6.68 2.68 -10.10
N GLU A 341 6.34 1.47 -10.53
CA GLU A 341 6.74 0.90 -11.82
CA GLU A 341 6.85 0.96 -11.80
C GLU A 341 6.38 1.78 -13.00
N SER A 342 5.29 2.54 -12.85
CA SER A 342 4.82 3.39 -13.94
C SER A 342 5.61 4.71 -14.03
N PHE A 343 6.49 5.02 -13.08
CA PHE A 343 7.24 6.27 -13.15
C PHE A 343 8.27 6.18 -14.31
N PRO A 344 8.69 7.33 -14.87
CA PRO A 344 9.71 7.26 -15.93
C PRO A 344 11.08 6.90 -15.35
N SER A 345 11.96 6.32 -16.17
CA SER A 345 13.21 5.80 -15.66
C SER A 345 14.03 6.80 -14.88
N TRP A 346 14.15 8.03 -15.39
CA TRP A 346 14.92 9.06 -14.70
C TRP A 346 14.44 9.27 -13.26
N ALA A 347 13.13 9.16 -13.03
CA ALA A 347 12.51 9.36 -11.72
C ALA A 347 12.71 8.13 -10.81
N LYS A 348 12.57 6.92 -11.35
CA LYS A 348 12.84 5.71 -10.60
C LYS A 348 14.29 5.69 -10.15
N GLU A 349 15.20 6.05 -11.05
CA GLU A 349 16.64 6.03 -10.75
C GLU A 349 16.99 7.09 -9.69
N SER A 350 16.37 8.26 -9.80
CA SER A 350 16.58 9.33 -8.80
C SER A 350 15.99 8.95 -7.41
N LEU A 351 14.72 8.56 -7.37
CA LEU A 351 14.09 8.20 -6.09
C LEU A 351 14.80 7.03 -5.39
N ASN A 352 15.21 6.00 -6.17
CA ASN A 352 15.94 4.83 -5.67
C ASN A 352 17.26 5.21 -4.97
N ALA A 353 18.01 6.13 -5.56
CA ALA A 353 19.29 6.56 -5.00
C ALA A 353 19.14 7.28 -3.66
N HIS A 354 17.95 7.82 -3.39
CA HIS A 354 17.70 8.64 -2.16
C HIS A 354 16.90 7.89 -1.07
N ARG A 355 16.70 6.59 -1.26
CA ARG A 355 15.89 5.76 -0.34
C ARG A 355 16.44 5.75 1.10
N ASN A 356 17.78 5.87 1.24
CA ASN A 356 18.42 5.85 2.56
C ASN A 356 18.58 7.23 3.20
N ASP A 357 18.19 8.31 2.53
CA ASP A 357 18.31 9.66 3.11
C ASP A 357 17.42 9.79 4.36
N VAL A 358 17.91 10.44 5.42
CA VAL A 358 17.05 10.76 6.57
C VAL A 358 15.94 11.75 6.12
N ARG A 359 14.70 11.43 6.46
CA ARG A 359 13.58 12.36 6.30
C ARG A 359 13.52 13.39 7.44
N SER A 360 13.12 14.61 7.12
CA SER A 360 13.03 15.67 8.13
C SER A 360 11.95 15.27 9.16
N HIS A 361 10.87 14.68 8.67
CA HIS A 361 9.79 14.18 9.50
C HIS A 361 9.23 12.92 8.83
N ILE A 362 8.67 12.03 9.63
CA ILE A 362 7.93 10.83 9.13
C ILE A 362 6.59 10.80 9.83
N TYR A 363 5.52 10.77 9.05
CA TYR A 363 4.17 10.64 9.60
C TYR A 363 3.55 9.34 9.09
N THR A 364 2.69 8.75 9.92
CA THR A 364 1.90 7.58 9.52
C THR A 364 0.63 7.99 8.77
N LEU A 365 -0.02 7.04 8.13
CA LEU A 365 -1.32 7.27 7.45
C LEU A 365 -2.31 8.06 8.32
N GLU A 366 -2.40 7.67 9.59
CA GLU A 366 -3.36 8.20 10.53
C GLU A 366 -3.05 9.64 10.97
N GLU A 367 -1.77 9.98 11.07
CA GLU A 367 -1.36 11.35 11.39
C GLU A 367 -1.61 12.31 10.21
N PHE A 368 -1.33 11.83 8.99
CA PHE A 368 -1.64 12.60 7.77
C PHE A 368 -3.16 12.82 7.68
N GLU A 369 -3.91 11.73 7.87
CA GLU A 369 -5.37 11.74 7.76
C GLU A 369 -6.05 12.74 8.72
N ALA A 370 -5.58 12.79 9.96
CA ALA A 370 -6.11 13.69 10.99
C ALA A 370 -5.53 15.12 10.92
N GLY A 371 -4.68 15.41 9.91
CA GLY A 371 -4.09 16.75 9.77
C GLY A 371 -3.18 17.15 10.95
N LYS A 372 -2.35 16.21 11.41
CA LYS A 372 -1.49 16.44 12.58
C LYS A 372 0.03 16.48 12.27
N THR A 373 0.39 17.10 11.15
CA THR A 373 1.79 17.40 10.84
C THR A 373 2.23 18.72 11.52
N HIS A 374 3.51 19.03 11.42
CA HIS A 374 4.08 20.33 11.85
C HIS A 374 3.81 21.51 10.87
N ASP A 375 3.24 21.24 9.70
CA ASP A 375 3.06 22.26 8.65
C ASP A 375 1.60 22.72 8.59
N PRO A 376 1.30 23.94 9.05
CA PRO A 376 -0.11 24.36 9.08
C PRO A 376 -0.77 24.54 7.69
N LEU A 377 0.00 24.80 6.63
CA LEU A 377 -0.57 24.82 5.28
C LEU A 377 -0.98 23.42 4.83
N TRP A 378 -0.12 22.42 5.08
CA TRP A 378 -0.47 21.02 4.77
C TRP A 378 -1.74 20.61 5.52
N ASN A 379 -1.76 20.85 6.83
CA ASN A 379 -2.92 20.52 7.69
C ASN A 379 -4.24 21.16 7.22
N ALA A 380 -4.18 22.42 6.81
CA ALA A 380 -5.34 23.15 6.29
C ALA A 380 -5.86 22.56 4.98
N SER A 381 -4.95 22.19 4.06
CA SER A 381 -5.29 21.46 2.84
C SER A 381 -6.04 20.14 3.11
N GLN A 382 -5.56 19.37 4.10
CA GLN A 382 -6.22 18.14 4.50
C GLN A 382 -7.62 18.41 5.11
N MET A 383 -7.76 19.47 5.90
CA MET A 383 -9.06 19.87 6.48
C MET A 383 -10.05 20.36 5.41
N GLU A 384 -9.58 21.07 4.38
CA GLU A 384 -10.44 21.39 3.22
C GLU A 384 -10.93 20.09 2.58
N LEU A 385 -10.05 19.12 2.38
CA LEU A 385 -10.42 17.78 1.88
C LEU A 385 -11.45 17.07 2.79
N LEU A 386 -11.21 17.01 4.11
CA LEU A 386 -12.11 16.31 5.06
C LEU A 386 -13.52 16.93 5.16
N SER A 387 -13.58 18.26 5.17
CA SER A 387 -14.82 18.99 5.41
C SER A 387 -15.65 19.23 4.12
N THR A 388 -15.00 19.48 2.97
CA THR A 388 -15.72 19.75 1.69
C THR A 388 -15.75 18.61 0.64
N GLY A 389 -14.80 17.68 0.72
CA GLY A 389 -14.65 16.66 -0.31
C GLY A 389 -14.06 17.13 -1.64
N LYS A 390 -13.46 18.32 -1.64
CA LYS A 390 -12.78 18.85 -2.82
C LYS A 390 -11.64 19.80 -2.46
N MET A 391 -10.41 19.29 -2.48
CA MET A 391 -9.23 20.14 -2.24
C MET A 391 -8.98 21.00 -3.48
N HIS A 392 -8.62 22.28 -3.27
CA HIS A 392 -8.26 23.17 -4.40
C HIS A 392 -7.10 22.53 -5.19
N GLY A 393 -7.18 22.62 -6.51
CA GLY A 393 -6.21 22.00 -7.40
C GLY A 393 -4.74 22.36 -7.14
N TYR A 394 -4.48 23.60 -6.75
CA TYR A 394 -3.10 24.03 -6.47
C TYR A 394 -2.54 23.35 -5.23
N THR A 395 -3.33 23.28 -4.16
CA THR A 395 -2.86 22.63 -2.93
C THR A 395 -2.78 21.10 -3.02
N ARG A 396 -3.55 20.46 -3.91
CA ARG A 396 -3.35 19.03 -4.18
C ARG A 396 -1.91 18.70 -4.57
N MET A 397 -1.27 19.56 -5.38
CA MET A 397 0.14 19.37 -5.77
C MET A 397 1.05 19.41 -4.57
N TYR A 398 0.87 20.45 -3.76
CA TYR A 398 1.68 20.68 -2.56
C TYR A 398 1.53 19.55 -1.55
N TRP A 399 0.27 19.24 -1.26
CA TRP A 399 -0.16 18.13 -0.39
C TRP A 399 0.51 16.79 -0.73
N ALA A 400 0.42 16.37 -1.99
CA ALA A 400 1.02 15.10 -2.42
C ALA A 400 2.56 15.10 -2.36
N LYS A 401 3.19 16.23 -2.68
CA LYS A 401 4.65 16.33 -2.69
C LYS A 401 5.22 16.28 -1.26
N LYS A 402 4.49 16.84 -0.29
CA LYS A 402 4.90 16.73 1.11
C LYS A 402 4.69 15.30 1.67
N ILE A 403 3.69 14.56 1.18
CA ILE A 403 3.55 13.13 1.53
C ILE A 403 4.85 12.37 1.19
N LEU A 404 5.39 12.60 -0.02
CA LEU A 404 6.68 12.03 -0.46
C LEU A 404 7.84 12.45 0.45
N GLU A 405 7.91 13.75 0.74
CA GLU A 405 8.98 14.31 1.58
C GLU A 405 8.99 13.77 3.02
N TRP A 406 7.82 13.44 3.57
CA TRP A 406 7.68 13.05 4.99
C TRP A 406 7.11 11.62 5.22
N SER A 407 7.41 10.71 4.28
CA SER A 407 7.08 9.29 4.42
CA SER A 407 7.07 9.29 4.40
C SER A 407 8.35 8.45 4.38
N GLU A 408 8.25 7.23 4.88
CA GLU A 408 9.36 6.27 4.93
C GLU A 408 10.00 5.92 3.60
N SER A 409 9.19 5.88 2.55
CA SER A 409 9.65 5.41 1.23
C SER A 409 8.72 5.91 0.13
N PRO A 410 9.17 5.88 -1.14
CA PRO A 410 8.32 6.31 -2.25
C PRO A 410 7.05 5.48 -2.40
N GLU A 411 7.14 4.17 -2.15
CA GLU A 411 5.97 3.31 -2.22
C GLU A 411 4.94 3.65 -1.15
N LYS A 412 5.40 3.88 0.08
CA LYS A 412 4.51 4.26 1.18
C LYS A 412 3.82 5.62 0.89
N ALA A 413 4.59 6.58 0.39
CA ALA A 413 4.06 7.87 -0.10
C ALA A 413 2.93 7.71 -1.15
N LEU A 414 3.20 6.99 -2.23
CA LEU A 414 2.18 6.74 -3.27
C LEU A 414 0.92 6.09 -2.63
N GLU A 415 1.12 5.13 -1.74
CA GLU A 415 0.03 4.42 -1.08
C GLU A 415 -0.82 5.33 -0.19
N ILE A 416 -0.17 6.22 0.57
CA ILE A 416 -0.88 7.15 1.43
C ILE A 416 -1.66 8.20 0.62
N ALA A 417 -1.04 8.79 -0.41
CA ALA A 417 -1.74 9.81 -1.21
C ALA A 417 -2.97 9.22 -1.94
N ILE A 418 -2.83 8.04 -2.51
CA ILE A 418 -3.93 7.35 -3.18
C ILE A 418 -5.04 6.99 -2.16
N CYS A 419 -4.66 6.50 -0.99
CA CYS A 419 -5.62 6.13 0.04
C CYS A 419 -6.50 7.33 0.45
N LEU A 420 -5.87 8.48 0.75
CA LEU A 420 -6.61 9.68 1.20
C LEU A 420 -7.37 10.37 0.04
N ASN A 421 -6.78 10.39 -1.16
CA ASN A 421 -7.46 10.93 -2.34
C ASN A 421 -8.75 10.14 -2.63
N ASP A 422 -8.63 8.81 -2.70
CA ASP A 422 -9.78 7.97 -3.02
C ASP A 422 -10.83 7.88 -1.87
N ARG A 423 -10.39 7.93 -0.62
CA ARG A 423 -11.34 7.92 0.53
C ARG A 423 -12.18 9.22 0.68
N TYR A 424 -11.56 10.37 0.42
CA TYR A 424 -12.13 11.66 0.79
C TYR A 424 -12.52 12.62 -0.35
N GLU A 425 -11.97 12.47 -1.57
CA GLU A 425 -12.36 13.34 -2.72
C GLU A 425 -13.65 12.83 -3.36
N LEU A 426 -14.64 13.70 -3.50
CA LEU A 426 -15.85 13.38 -4.31
C LEU A 426 -15.47 12.97 -5.76
N ASP A 427 -14.43 13.58 -6.31
CA ASP A 427 -13.95 13.29 -7.69
C ASP A 427 -12.86 12.19 -7.79
N GLY A 428 -12.57 11.51 -6.69
CA GLY A 428 -11.54 10.45 -6.64
C GLY A 428 -11.91 9.12 -7.27
N ARG A 429 -10.98 8.18 -7.20
CA ARG A 429 -11.04 6.89 -7.92
C ARG A 429 -11.22 7.16 -9.43
N ASP A 430 -10.28 7.95 -9.94
CA ASP A 430 -10.39 8.56 -11.27
C ASP A 430 -9.01 8.52 -11.94
N PRO A 431 -8.96 8.35 -13.28
CA PRO A 431 -7.70 8.48 -14.02
C PRO A 431 -6.98 9.82 -13.77
N ASN A 432 -7.73 10.91 -13.64
CA ASN A 432 -7.09 12.19 -13.29
C ASN A 432 -6.32 12.12 -11.96
N GLY A 433 -6.87 11.39 -10.99
CA GLY A 433 -6.25 11.20 -9.67
C GLY A 433 -4.93 10.44 -9.71
N TYR A 434 -4.93 9.28 -10.36
CA TYR A 434 -3.70 8.49 -10.59
C TYR A 434 -2.64 9.25 -11.43
N ALA A 435 -3.05 9.91 -12.52
CA ALA A 435 -2.13 10.73 -13.31
C ALA A 435 -1.62 11.98 -12.52
N GLY A 436 -2.50 12.59 -11.73
CA GLY A 436 -2.09 13.76 -10.91
C GLY A 436 -1.14 13.44 -9.77
N ILE A 437 -1.42 12.35 -9.08
CA ILE A 437 -0.56 11.85 -8.02
C ILE A 437 0.79 11.36 -8.61
N ALA A 438 0.77 10.71 -9.78
CA ALA A 438 2.02 10.25 -10.43
C ALA A 438 2.90 11.41 -10.93
N TRP A 439 2.27 12.49 -11.41
CA TRP A 439 2.99 13.73 -11.73
C TRP A 439 3.73 14.27 -10.48
N SER A 440 2.99 14.33 -9.36
CA SER A 440 3.45 15.00 -8.13
C SER A 440 4.56 14.23 -7.45
N ILE A 441 4.43 12.91 -7.40
CA ILE A 441 5.33 12.03 -6.66
C ILE A 441 6.41 11.39 -7.55
N GLY A 442 6.08 11.06 -8.80
CA GLY A 442 6.96 10.31 -9.70
C GLY A 442 7.39 10.95 -11.03
N GLY A 443 7.00 12.20 -11.24
CA GLY A 443 7.42 12.94 -12.41
C GLY A 443 6.80 12.55 -13.74
N VAL A 444 5.73 11.76 -13.71
CA VAL A 444 5.00 11.37 -14.93
C VAL A 444 4.49 12.65 -15.60
N HIS A 445 4.80 12.82 -16.89
CA HIS A 445 4.45 14.03 -17.67
C HIS A 445 5.21 15.27 -17.18
N ASP A 446 6.34 15.06 -16.52
CA ASP A 446 7.21 16.16 -16.09
C ASP A 446 8.65 15.83 -16.52
N ARG A 447 9.60 16.65 -16.10
CA ARG A 447 11.03 16.47 -16.34
C ARG A 447 11.79 16.60 -15.01
N ALA A 448 13.01 16.08 -14.98
CA ALA A 448 13.93 16.28 -13.88
C ALA A 448 14.11 17.77 -13.61
N TRP A 449 14.02 18.16 -12.35
CA TRP A 449 13.94 19.56 -11.99
C TRP A 449 14.53 19.78 -10.59
N GLY A 450 15.77 20.27 -10.55
CA GLY A 450 16.48 20.47 -9.29
C GLY A 450 17.02 19.15 -8.75
N GLU A 451 17.71 19.20 -7.61
CA GLU A 451 18.25 18.00 -6.96
C GLU A 451 18.30 18.24 -5.46
N ARG A 452 17.61 17.39 -4.69
CA ARG A 452 17.54 17.51 -3.24
C ARG A 452 17.59 16.16 -2.54
N GLU A 453 17.86 16.22 -1.25
CA GLU A 453 17.71 15.08 -0.37
C GLU A 453 16.28 14.55 -0.41
N VAL A 454 16.16 13.22 -0.32
CA VAL A 454 14.85 12.48 -0.23
C VAL A 454 14.06 12.41 -1.52
N THR A 455 13.73 13.59 -2.07
CA THR A 455 12.92 13.71 -3.29
C THR A 455 13.73 13.78 -4.61
N GLY A 456 15.05 13.82 -4.51
CA GLY A 456 15.91 13.84 -5.70
C GLY A 456 15.57 14.91 -6.72
N LYS A 457 15.28 14.46 -7.94
CA LYS A 457 15.01 15.34 -9.07
C LYS A 457 13.52 15.57 -9.32
N ILE A 458 12.67 15.15 -8.39
CA ILE A 458 11.22 15.41 -8.45
C ILE A 458 10.98 16.88 -8.10
N ARG A 459 10.29 17.61 -8.98
CA ARG A 459 10.02 19.02 -8.80
C ARG A 459 9.54 19.31 -7.36
N TYR A 460 10.18 20.29 -6.75
CA TYR A 460 9.94 20.69 -5.37
C TYR A 460 8.99 21.87 -5.30
N MET A 461 8.15 21.88 -4.27
CA MET A 461 7.26 23.00 -3.97
C MET A 461 7.36 23.33 -2.47
N SER A 462 7.47 24.61 -2.14
CA SER A 462 7.76 25.02 -0.77
C SER A 462 6.67 25.88 -0.15
N TYR A 463 6.65 25.88 1.18
CA TYR A 463 5.81 26.77 1.97
C TYR A 463 6.05 28.24 1.61
N GLU A 464 7.33 28.65 1.58
CA GLU A 464 7.67 30.05 1.27
C GLU A 464 7.35 30.40 -0.18
N GLY A 465 7.48 29.43 -1.09
CA GLY A 465 7.03 29.62 -2.47
C GLY A 465 5.55 29.97 -2.56
N CYS A 466 4.70 29.24 -1.82
CA CYS A 466 3.25 29.52 -1.74
C CYS A 466 2.98 30.93 -1.15
N LYS A 467 3.69 31.25 -0.07
CA LYS A 467 3.55 32.53 0.65
C LYS A 467 3.67 33.74 -0.28
N ARG A 468 4.53 33.64 -1.27
CA ARG A 468 4.79 34.76 -2.16
C ARG A 468 3.85 34.78 -3.38
N LYS A 469 3.00 33.75 -3.52
CA LYS A 469 2.01 33.66 -4.61
C LYS A 469 0.59 33.92 -4.15
N PHE A 470 0.25 33.54 -2.92
CA PHE A 470 -1.10 33.78 -2.39
C PHE A 470 -1.12 33.97 -0.86
N ASP A 471 -2.28 34.38 -0.35
CA ASP A 471 -2.44 34.71 1.08
C ASP A 471 -2.59 33.41 1.90
N VAL A 472 -1.45 32.79 2.18
CA VAL A 472 -1.41 31.48 2.87
C VAL A 472 -2.14 31.48 4.20
N LYS A 473 -2.02 32.57 4.95
CA LYS A 473 -2.64 32.69 6.28
C LYS A 473 -4.18 32.72 6.19
N LEU A 474 -4.73 33.33 5.13
CA LEU A 474 -6.20 33.33 4.91
C LEU A 474 -6.73 31.92 4.67
N TYR A 475 -6.02 31.12 3.88
CA TYR A 475 -6.40 29.73 3.61
C TYR A 475 -6.37 28.86 4.88
N ILE A 476 -5.30 29.01 5.68
CA ILE A 476 -5.14 28.31 6.96
C ILE A 476 -6.26 28.68 7.95
N GLU A 477 -6.60 29.97 8.01
CA GLU A 477 -7.66 30.43 8.90
C GLU A 477 -9.03 29.89 8.47
N LYS A 478 -9.26 29.84 7.16
CA LYS A 478 -10.52 29.31 6.65
C LYS A 478 -10.72 27.84 7.00
N TYR A 479 -9.64 27.05 7.09
CA TYR A 479 -9.73 25.61 7.35
C TYR A 479 -9.01 25.24 8.67
N SER A 480 -9.43 25.92 9.73
CA SER A 480 -8.89 25.79 11.08
C SER A 480 -7.44 26.25 11.13
N LEU B 14 39.47 0.48 25.25
CA LEU B 14 37.98 0.57 25.29
C LEU B 14 37.35 -0.58 26.09
N VAL B 15 37.67 -1.82 25.73
CA VAL B 15 37.19 -3.02 26.45
C VAL B 15 38.35 -3.63 27.23
N PRO B 16 38.08 -4.25 28.40
CA PRO B 16 39.18 -4.91 29.11
C PRO B 16 39.66 -6.20 28.42
N ARG B 17 40.91 -6.56 28.70
CA ARG B 17 41.50 -7.80 28.20
C ARG B 17 40.75 -9.02 28.75
N GLY B 18 40.68 -10.08 27.96
CA GLY B 18 39.97 -11.30 28.35
C GLY B 18 38.45 -11.18 28.48
N SER B 19 37.86 -10.18 27.81
CA SER B 19 36.42 -9.99 27.83
C SER B 19 35.66 -10.90 26.84
N HIS B 20 36.39 -11.59 25.96
CA HIS B 20 35.83 -12.49 24.94
C HIS B 20 34.87 -11.79 23.95
N MET B 21 35.22 -10.57 23.53
CA MET B 21 34.43 -9.77 22.57
CA MET B 21 34.42 -9.80 22.58
C MET B 21 35.11 -9.73 21.22
N ASN B 22 34.59 -10.45 20.23
CA ASN B 22 35.12 -10.34 18.87
C ASN B 22 34.77 -8.93 18.35
N PRO B 23 35.80 -8.11 18.01
CA PRO B 23 35.55 -6.70 17.63
C PRO B 23 34.78 -6.52 16.32
N LYS B 24 34.77 -7.54 15.47
CA LYS B 24 34.04 -7.51 14.21
C LYS B 24 32.51 -7.48 14.40
N ARG B 25 32.04 -7.81 15.61
CA ARG B 25 30.62 -7.70 15.97
C ARG B 25 30.21 -6.26 16.27
N ILE B 26 31.18 -5.36 16.38
CA ILE B 26 30.94 -3.96 16.76
C ILE B 26 31.25 -3.01 15.60
N ARG B 27 30.50 -1.93 15.51
CA ARG B 27 30.61 -0.96 14.43
C ARG B 27 30.38 0.45 14.99
N ALA B 28 31.31 1.37 14.76
CA ALA B 28 31.20 2.74 15.23
C ALA B 28 30.27 3.54 14.31
N LEU B 29 29.19 4.10 14.87
CA LEU B 29 28.24 4.90 14.10
C LEU B 29 28.61 6.39 14.14
N LYS B 30 29.36 6.77 15.16
CA LYS B 30 29.75 8.13 15.38
C LYS B 30 30.96 8.13 16.32
N SER B 31 32.06 8.70 15.87
CA SER B 31 33.16 9.02 16.77
CA SER B 31 33.16 9.02 16.76
C SER B 31 32.75 10.32 17.45
N GLY B 32 33.18 10.50 18.69
CA GLY B 32 32.88 11.74 19.39
C GLY B 32 33.69 11.79 20.67
N LYS B 33 33.28 12.67 21.59
CA LYS B 33 34.02 12.86 22.83
C LYS B 33 33.37 12.06 23.97
N GLN B 34 34.05 11.02 24.43
CA GLN B 34 33.54 10.19 25.55
C GLN B 34 33.23 11.03 26.78
N GLY B 35 32.01 10.94 27.29
CA GLY B 35 31.60 11.69 28.50
C GLY B 35 31.94 10.97 29.79
N ASP B 36 31.55 11.57 30.93
CA ASP B 36 31.88 11.05 32.26
C ASP B 36 30.87 10.08 32.83
N GLY B 37 29.68 10.05 32.24
CA GLY B 37 28.57 9.33 32.82
C GLY B 37 28.49 7.86 32.43
N PRO B 38 27.35 7.23 32.74
CA PRO B 38 27.18 5.80 32.48
C PRO B 38 27.18 5.40 31.01
N VAL B 39 27.46 4.12 30.76
CA VAL B 39 27.31 3.56 29.41
C VAL B 39 25.84 3.15 29.28
N VAL B 40 25.19 3.59 28.21
CA VAL B 40 23.74 3.39 27.98
C VAL B 40 23.48 2.42 26.84
N TYR B 41 22.81 1.32 27.13
CA TYR B 41 22.46 0.36 26.10
C TYR B 41 21.00 0.66 25.69
N TRP B 42 20.85 1.27 24.52
CA TRP B 42 19.53 1.46 23.88
C TRP B 42 19.14 0.15 23.23
N MET B 43 18.30 -0.60 23.95
CA MET B 43 17.81 -1.91 23.54
C MET B 43 16.60 -1.71 22.64
N SER B 44 16.52 -2.46 21.53
CA SER B 44 15.42 -2.35 20.56
C SER B 44 15.01 -3.75 20.08
N ARG B 45 15.92 -4.45 19.41
CA ARG B 45 15.63 -5.76 18.83
C ARG B 45 15.86 -6.95 19.76
N ASP B 46 16.79 -6.84 20.72
CA ASP B 46 17.22 -7.99 21.48
C ASP B 46 16.84 -7.87 22.96
N GLN B 47 15.60 -8.27 23.25
CA GLN B 47 14.97 -8.02 24.55
C GLN B 47 15.19 -9.20 25.50
N ARG B 48 16.43 -9.32 25.98
CA ARG B 48 16.88 -10.38 26.87
C ARG B 48 18.15 -9.95 27.63
N ALA B 49 18.34 -10.52 28.83
CA ALA B 49 19.53 -10.25 29.66
C ALA B 49 20.66 -11.28 29.42
N GLU B 50 20.30 -12.49 29.02
CA GLU B 50 21.27 -13.55 28.72
C GLU B 50 21.60 -13.63 27.24
N ASP B 51 22.84 -14.04 26.94
CA ASP B 51 23.24 -14.31 25.56
C ASP B 51 22.95 -13.12 24.64
N ASN B 52 23.35 -11.93 25.10
CA ASN B 52 23.09 -10.68 24.37
C ASN B 52 24.39 -9.92 24.17
N TRP B 53 24.97 -9.95 22.96
CA TRP B 53 26.29 -9.35 22.70
C TRP B 53 26.32 -7.83 22.86
N ALA B 54 25.21 -7.16 22.55
CA ALA B 54 25.11 -5.70 22.77
C ALA B 54 25.20 -5.31 24.26
N LEU B 55 24.49 -6.05 25.12
CA LEU B 55 24.52 -5.85 26.59
C LEU B 55 25.89 -6.19 27.18
N LEU B 56 26.46 -7.31 26.73
CA LEU B 56 27.80 -7.76 27.16
C LEU B 56 28.90 -6.75 26.77
N PHE B 57 28.85 -6.25 25.54
CA PHE B 57 29.81 -5.20 25.10
C PHE B 57 29.63 -3.91 25.92
N SER B 58 28.39 -3.51 26.17
CA SER B 58 28.09 -2.34 27.01
C SER B 58 28.65 -2.43 28.45
N ARG B 59 28.51 -3.61 29.06
CA ARG B 59 29.05 -3.89 30.41
C ARG B 59 30.58 -3.87 30.44
N ALA B 60 31.23 -4.41 29.40
CA ALA B 60 32.70 -4.43 29.32
C ALA B 60 33.29 -3.01 29.19
N ILE B 61 32.72 -2.21 28.30
CA ILE B 61 33.07 -0.78 28.16
C ILE B 61 32.95 -0.04 29.51
N ALA B 62 31.83 -0.26 30.20
CA ALA B 62 31.57 0.33 31.54
C ALA B 62 32.63 -0.10 32.60
N LYS B 63 32.98 -1.38 32.62
CA LYS B 63 33.94 -1.91 33.57
C LYS B 63 35.31 -1.26 33.43
N GLU B 64 35.77 -1.19 32.18
CA GLU B 64 37.02 -0.53 31.84
C GLU B 64 37.03 0.94 32.30
N ALA B 65 35.93 1.66 32.07
CA ALA B 65 35.85 3.12 32.34
C ALA B 65 35.45 3.47 33.78
N ASN B 66 35.16 2.46 34.60
CA ASN B 66 34.76 2.65 36.01
C ASN B 66 33.42 3.41 36.14
N VAL B 67 32.44 2.98 35.35
CA VAL B 67 31.09 3.57 35.43
C VAL B 67 30.01 2.48 35.33
N PRO B 68 28.75 2.79 35.72
CA PRO B 68 27.67 1.79 35.57
C PRO B 68 27.20 1.61 34.12
N VAL B 69 26.61 0.45 33.83
CA VAL B 69 25.83 0.25 32.62
C VAL B 69 24.34 0.40 32.99
N VAL B 70 23.57 1.04 32.10
CA VAL B 70 22.11 1.07 32.22
C VAL B 70 21.45 0.70 30.90
N VAL B 71 20.23 0.18 30.99
CA VAL B 71 19.42 -0.12 29.81
C VAL B 71 18.29 0.91 29.61
N VAL B 72 18.12 1.35 28.35
CA VAL B 72 16.98 2.18 27.94
C VAL B 72 16.21 1.51 26.77
N PHE B 73 14.88 1.57 26.85
CA PHE B 73 13.94 1.09 25.84
C PHE B 73 12.94 2.22 25.59
N CYS B 74 12.62 2.46 24.32
CA CYS B 74 11.64 3.50 23.96
C CYS B 74 10.47 2.94 23.14
N LEU B 75 9.27 3.02 23.72
CA LEU B 75 8.04 2.57 23.07
C LEU B 75 7.39 3.69 22.23
N THR B 76 7.23 3.45 20.93
CA THR B 76 6.58 4.41 20.05
C THR B 76 5.06 4.49 20.31
N ASP B 77 4.48 5.66 20.09
CA ASP B 77 3.02 5.83 20.24
C ASP B 77 2.28 4.92 19.24
N GLU B 78 2.82 4.88 18.02
CA GLU B 78 2.24 4.11 16.92
C GLU B 78 2.19 2.59 17.17
N PHE B 79 3.04 2.06 18.05
CA PHE B 79 3.15 0.61 18.31
C PHE B 79 1.84 -0.07 18.72
N LEU B 80 1.18 0.43 19.76
CA LEU B 80 -0.10 -0.12 20.21
C LEU B 80 -1.13 -0.14 19.07
N GLU B 81 -1.13 0.91 18.26
CA GLU B 81 -2.07 1.03 17.13
C GLU B 81 -1.80 -0.02 16.03
N ALA B 82 -0.54 -0.46 15.89
CA ALA B 82 -0.17 -1.43 14.85
C ALA B 82 -0.56 -2.88 15.15
N GLY B 83 -0.81 -3.20 16.43
CA GLY B 83 -1.20 -4.56 16.81
C GLY B 83 -1.19 -4.83 18.31
N ILE B 84 -2.30 -5.32 18.82
CA ILE B 84 -2.52 -5.50 20.25
C ILE B 84 -1.86 -6.77 20.79
N ARG B 85 -1.89 -7.84 20.00
CA ARG B 85 -1.32 -9.14 20.43
C ARG B 85 0.21 -9.11 20.52
N GLN B 86 0.86 -8.45 19.55
CA GLN B 86 2.31 -8.24 19.57
C GLN B 86 2.72 -7.37 20.78
N TYR B 87 1.98 -6.27 20.98
CA TYR B 87 2.18 -5.34 22.10
C TYR B 87 2.16 -6.04 23.47
N GLU B 88 1.15 -6.86 23.72
CA GLU B 88 1.05 -7.60 24.97
C GLU B 88 2.11 -8.69 25.16
N PHE B 89 2.42 -9.41 24.09
CA PHE B 89 3.47 -10.43 24.12
C PHE B 89 4.83 -9.78 24.45
N MET B 90 5.12 -8.66 23.79
CA MET B 90 6.33 -7.89 24.04
C MET B 90 6.40 -7.36 25.46
N LEU B 91 5.28 -6.77 25.90
CA LEU B 91 5.15 -6.12 27.21
C LEU B 91 5.31 -7.05 28.42
N LYS B 92 4.70 -8.24 28.35
CA LYS B 92 4.85 -9.20 29.44
C LYS B 92 6.27 -9.78 29.47
N GLY B 93 6.93 -9.83 28.31
CA GLY B 93 8.36 -10.13 28.27
C GLY B 93 9.20 -9.07 28.98
N LEU B 94 8.92 -7.79 28.70
CA LEU B 94 9.66 -6.69 29.32
C LEU B 94 9.44 -6.57 30.84
N GLN B 95 8.29 -7.01 31.36
CA GLN B 95 8.06 -6.98 32.81
C GLN B 95 8.99 -7.99 33.47
N GLU B 96 9.10 -9.18 32.87
CA GLU B 96 10.04 -10.20 33.32
C GLU B 96 11.50 -9.75 33.18
N LEU B 97 11.80 -8.98 32.13
CA LEU B 97 13.15 -8.51 31.89
C LEU B 97 13.59 -7.43 32.89
N GLU B 98 12.64 -6.60 33.34
CA GLU B 98 12.92 -5.58 34.34
C GLU B 98 13.43 -6.25 35.63
N VAL B 99 12.77 -7.34 36.02
CA VAL B 99 13.16 -8.12 37.20
C VAL B 99 14.55 -8.78 37.04
N SER B 100 14.81 -9.40 35.89
CA SER B 100 16.10 -10.02 35.62
C SER B 100 17.26 -9.02 35.64
N LEU B 101 17.05 -7.87 35.01
CA LEU B 101 18.06 -6.82 35.03
C LEU B 101 18.27 -6.29 36.48
N SER B 102 17.20 -6.12 37.25
CA SER B 102 17.33 -5.70 38.66
C SER B 102 18.13 -6.65 39.53
N ARG B 103 18.05 -7.96 39.26
CA ARG B 103 18.90 -8.94 39.96
C ARG B 103 20.39 -8.80 39.63
N LYS B 104 20.70 -8.21 38.47
CA LYS B 104 22.07 -7.89 38.08
C LYS B 104 22.45 -6.47 38.50
N LYS B 105 21.62 -5.84 39.33
CA LYS B 105 21.76 -4.43 39.72
C LYS B 105 21.92 -3.49 38.51
N ILE B 106 21.21 -3.80 37.42
CA ILE B 106 21.25 -3.00 36.20
C ILE B 106 19.88 -2.30 36.07
N PRO B 107 19.87 -0.96 36.18
CA PRO B 107 18.63 -0.19 36.01
C PRO B 107 18.12 -0.23 34.57
N SER B 108 16.80 -0.27 34.43
CA SER B 108 16.13 -0.20 33.13
C SER B 108 15.19 0.98 33.15
N PHE B 109 15.16 1.72 32.05
CA PHE B 109 14.33 2.91 31.91
C PHE B 109 13.44 2.73 30.70
N PHE B 110 12.13 2.94 30.86
CA PHE B 110 11.18 2.73 29.77
C PHE B 110 10.55 4.07 29.39
N LEU B 111 10.81 4.52 28.17
CA LEU B 111 10.38 5.84 27.69
C LEU B 111 9.24 5.67 26.70
N ARG B 112 8.45 6.72 26.54
CA ARG B 112 7.33 6.74 25.59
C ARG B 112 7.52 7.84 24.55
N GLY B 113 7.35 7.52 23.27
CA GLY B 113 7.43 8.52 22.18
C GLY B 113 8.38 8.17 21.04
N ASP B 114 8.86 9.20 20.34
CA ASP B 114 9.74 9.03 19.16
C ASP B 114 11.17 8.77 19.63
N PRO B 115 11.74 7.59 19.30
CA PRO B 115 13.09 7.27 19.76
C PRO B 115 14.18 8.26 19.32
N GLY B 116 14.10 8.77 18.08
CA GLY B 116 15.03 9.82 17.64
C GLY B 116 15.15 11.01 18.60
N GLU B 117 14.02 11.53 19.06
CA GLU B 117 13.96 12.64 20.01
C GLU B 117 14.27 12.19 21.46
N LYS B 118 13.61 11.12 21.89
CA LYS B 118 13.68 10.66 23.29
C LYS B 118 15.04 10.04 23.72
N ILE B 119 15.74 9.33 22.84
CA ILE B 119 17.04 8.72 23.17
C ILE B 119 18.14 9.80 23.24
N SER B 120 18.11 10.76 22.31
CA SER B 120 18.97 11.96 22.37
C SER B 120 18.85 12.71 23.68
N ARG B 121 17.61 12.97 24.06
CA ARG B 121 17.29 13.67 25.30
C ARG B 121 17.71 12.87 26.54
N PHE B 122 17.43 11.56 26.56
CA PHE B 122 17.87 10.70 27.66
C PHE B 122 19.38 10.78 27.84
N VAL B 123 20.13 10.71 26.74
CA VAL B 123 21.60 10.82 26.76
C VAL B 123 22.09 12.15 27.38
N LYS B 124 21.40 13.26 27.06
CA LYS B 124 21.67 14.56 27.70
C LYS B 124 21.32 14.54 29.20
N ASP B 125 20.08 14.20 29.53
CA ASP B 125 19.57 14.27 30.90
C ASP B 125 20.39 13.43 31.91
N TYR B 126 20.78 12.24 31.50
CA TYR B 126 21.49 11.35 32.41
CA TYR B 126 21.48 11.25 32.33
C TYR B 126 23.01 11.39 32.21
N ASN B 127 23.46 12.34 31.38
CA ASN B 127 24.88 12.60 31.12
C ASN B 127 25.65 11.35 30.69
N ALA B 128 25.11 10.60 29.73
CA ALA B 128 25.73 9.36 29.30
C ALA B 128 27.15 9.64 28.82
N GLY B 129 28.05 8.68 29.05
CA GLY B 129 29.41 8.70 28.52
C GLY B 129 29.56 8.05 27.16
N THR B 130 28.84 6.95 26.94
CA THR B 130 28.80 6.26 25.63
C THR B 130 27.41 5.66 25.40
N LEU B 131 26.96 5.64 24.14
CA LEU B 131 25.73 5.00 23.73
C LEU B 131 26.02 3.75 22.87
N VAL B 132 25.27 2.68 23.13
CA VAL B 132 25.34 1.46 22.34
C VAL B 132 23.91 1.01 21.99
N THR B 133 23.71 0.53 20.76
CA THR B 133 22.44 -0.09 20.38
C THR B 133 22.69 -1.44 19.71
N ASP B 134 21.63 -2.24 19.57
CA ASP B 134 21.70 -3.54 18.86
C ASP B 134 21.41 -3.29 17.37
N PHE B 135 21.37 -4.33 16.55
CA PHE B 135 21.30 -4.17 15.10
C PHE B 135 20.01 -4.66 14.51
N SER B 136 19.39 -3.81 13.69
CA SER B 136 18.25 -4.16 12.82
C SER B 136 18.47 -3.52 11.42
N PRO B 137 18.22 -4.29 10.34
CA PRO B 137 18.31 -3.74 9.01
C PRO B 137 17.06 -2.98 8.53
N LEU B 138 16.01 -2.85 9.35
CA LEU B 138 14.77 -2.21 8.88
C LEU B 138 14.95 -0.69 8.81
N ARG B 139 14.31 -0.05 7.82
CA ARG B 139 14.45 1.40 7.60
C ARG B 139 14.29 2.29 8.83
N ILE B 140 13.25 2.04 9.62
CA ILE B 140 12.88 3.00 10.65
C ILE B 140 13.99 3.06 11.73
N LYS B 141 14.66 1.93 11.98
CA LYS B 141 15.82 1.95 12.87
C LYS B 141 16.92 2.86 12.33
N ASN B 142 17.19 2.83 11.03
CA ASN B 142 18.15 3.74 10.38
CA ASN B 142 18.17 3.74 10.43
C ASN B 142 17.75 5.19 10.56
N GLN B 143 16.46 5.47 10.31
CA GLN B 143 15.93 6.81 10.53
C GLN B 143 16.21 7.32 11.93
N TRP B 144 15.84 6.53 12.95
CA TRP B 144 16.03 6.91 14.34
C TRP B 144 17.53 7.14 14.65
N ILE B 145 18.40 6.24 14.19
CA ILE B 145 19.85 6.34 14.40
C ILE B 145 20.41 7.65 13.86
N GLU B 146 20.00 8.06 12.67
CA GLU B 146 20.48 9.32 12.09
C GLU B 146 20.01 10.53 12.93
N LYS B 147 18.80 10.46 13.46
CA LYS B 147 18.28 11.54 14.31
C LYS B 147 19.06 11.60 15.65
N VAL B 148 19.29 10.46 16.29
CA VAL B 148 20.11 10.40 17.51
C VAL B 148 21.50 10.95 17.22
N ILE B 149 22.16 10.51 16.15
CA ILE B 149 23.51 11.01 15.80
C ILE B 149 23.60 12.55 15.76
N SER B 150 22.60 13.20 15.16
CA SER B 150 22.56 14.67 15.07
CA SER B 150 22.60 14.67 15.07
C SER B 150 22.27 15.36 16.39
N GLY B 151 21.79 14.62 17.39
CA GLY B 151 21.41 15.21 18.68
C GLY B 151 22.31 14.91 19.87
N ILE B 152 23.39 14.15 19.64
CA ILE B 152 24.33 13.80 20.70
C ILE B 152 25.75 14.19 20.31
N SER B 153 26.64 14.22 21.30
CA SER B 153 28.04 14.52 21.08
C SER B 153 28.98 13.45 21.64
N ILE B 154 28.43 12.31 22.05
CA ILE B 154 29.26 11.22 22.61
C ILE B 154 29.47 10.14 21.55
N PRO B 155 30.42 9.20 21.80
CA PRO B 155 30.56 8.09 20.88
C PRO B 155 29.31 7.21 20.88
N PHE B 156 29.01 6.64 19.73
CA PHE B 156 27.84 5.82 19.53
C PHE B 156 28.26 4.58 18.74
N PHE B 157 28.02 3.39 19.29
CA PHE B 157 28.32 2.10 18.64
C PHE B 157 27.06 1.26 18.38
N GLU B 158 27.17 0.33 17.42
CA GLU B 158 26.15 -0.67 17.08
C GLU B 158 26.81 -2.07 17.23
N VAL B 159 26.07 -3.00 17.83
CA VAL B 159 26.50 -4.39 18.00
C VAL B 159 25.49 -5.36 17.38
N ASP B 160 25.92 -6.24 16.47
CA ASP B 160 25.03 -7.28 15.96
C ASP B 160 24.85 -8.40 17.00
N ALA B 161 23.71 -8.36 17.68
CA ALA B 161 23.35 -9.35 18.70
C ALA B 161 22.32 -10.35 18.20
N HIS B 162 21.86 -10.22 16.94
CA HIS B 162 20.81 -11.12 16.41
C HIS B 162 21.33 -12.24 15.51
N ASN B 163 22.38 -11.97 14.76
CA ASN B 163 22.98 -12.95 13.86
C ASN B 163 24.23 -13.61 14.49
N VAL B 164 24.49 -14.86 14.11
CA VAL B 164 25.70 -15.55 14.56
C VAL B 164 26.95 -14.93 13.95
N VAL B 165 26.93 -14.73 12.63
CA VAL B 165 27.94 -13.96 11.91
C VAL B 165 27.37 -12.54 11.70
N PRO B 166 28.09 -11.48 12.14
CA PRO B 166 27.58 -10.13 11.88
C PRO B 166 27.21 -9.89 10.42
N CYS B 167 26.10 -9.19 10.19
CA CYS B 167 25.52 -9.03 8.85
C CYS B 167 26.51 -8.46 7.83
N TRP B 168 27.22 -7.44 8.26
CA TRP B 168 28.18 -6.74 7.38
C TRP B 168 29.46 -7.55 7.11
N GLU B 169 29.71 -8.60 7.92
CA GLU B 169 30.83 -9.54 7.67
C GLU B 169 30.45 -10.74 6.79
N ALA B 170 29.24 -11.28 6.98
CA ALA B 170 28.81 -12.46 6.24
C ALA B 170 28.95 -12.25 4.72
N SER B 171 28.53 -11.08 4.27
CA SER B 171 28.66 -10.70 2.86
C SER B 171 28.65 -9.18 2.73
N GLN B 172 29.29 -8.68 1.67
CA GLN B 172 29.39 -7.26 1.38
C GLN B 172 28.39 -6.83 0.30
N LYS B 173 27.49 -7.74 -0.08
CA LYS B 173 26.52 -7.46 -1.11
C LYS B 173 25.22 -8.27 -0.98
N HIS B 174 24.20 -7.83 -1.70
CA HIS B 174 22.98 -8.60 -1.90
C HIS B 174 23.32 -9.99 -2.47
N GLU B 175 22.90 -11.05 -1.79
CA GLU B 175 23.04 -12.42 -2.30
C GLU B 175 21.82 -12.87 -3.13
N TYR B 176 22.10 -13.43 -4.30
CA TYR B 176 21.06 -13.85 -5.24
C TYR B 176 20.28 -15.10 -4.80
N ALA B 177 20.96 -16.03 -4.12
CA ALA B 177 20.34 -17.28 -3.69
C ALA B 177 21.01 -17.81 -2.45
N ALA B 178 20.35 -18.74 -1.76
CA ALA B 178 20.94 -19.43 -0.61
C ALA B 178 22.27 -20.09 -0.96
N HIS B 179 22.42 -20.58 -2.20
CA HIS B 179 23.65 -21.32 -2.57
C HIS B 179 24.89 -20.44 -2.80
N THR B 180 24.72 -19.13 -3.01
CA THR B 180 25.87 -18.22 -3.05
C THR B 180 26.25 -17.72 -1.65
N PHE B 181 25.24 -17.56 -0.79
CA PHE B 181 25.43 -17.09 0.59
C PHE B 181 26.02 -18.19 1.49
N ARG B 182 25.60 -19.45 1.25
CA ARG B 182 25.98 -20.57 2.12
C ARG B 182 27.50 -20.73 2.32
N PRO B 183 28.32 -20.79 1.25
CA PRO B 183 29.75 -20.97 1.47
C PRO B 183 30.39 -19.80 2.20
N LYS B 184 29.91 -18.58 1.93
CA LYS B 184 30.37 -17.40 2.67
C LYS B 184 30.08 -17.50 4.18
N LEU B 185 28.83 -17.79 4.57
CA LEU B 185 28.46 -17.86 6.00
C LEU B 185 29.10 -19.03 6.76
N TYR B 186 29.06 -20.22 6.16
CA TYR B 186 29.55 -21.44 6.82
C TYR B 186 31.09 -21.41 7.00
N ALA B 187 31.79 -20.68 6.13
CA ALA B 187 33.23 -20.43 6.29
C ALA B 187 33.57 -19.67 7.57
N LEU B 188 32.67 -18.80 8.03
CA LEU B 188 32.91 -17.96 9.21
C LEU B 188 32.33 -18.49 10.52
N LEU B 189 31.65 -19.63 10.51
CA LEU B 189 31.08 -20.23 11.73
C LEU B 189 32.13 -20.68 12.74
N PRO B 190 33.24 -21.32 12.28
CA PRO B 190 34.27 -21.64 13.26
C PRO B 190 34.78 -20.41 14.03
N GLU B 191 34.88 -19.26 13.37
CA GLU B 191 35.27 -18.01 14.05
C GLU B 191 34.17 -17.45 14.98
N PHE B 192 32.92 -17.39 14.50
CA PHE B 192 31.84 -16.68 15.22
C PHE B 192 30.83 -17.55 15.99
N LEU B 193 30.75 -18.86 15.74
CA LEU B 193 29.88 -19.71 16.55
C LEU B 193 30.61 -20.11 17.83
N GLU B 194 30.38 -19.37 18.92
CA GLU B 194 31.07 -19.56 20.20
C GLU B 194 30.09 -19.42 21.37
N GLU B 195 30.51 -19.86 22.56
CA GLU B 195 29.73 -19.70 23.79
C GLU B 195 29.75 -18.24 24.24
N PHE B 196 28.75 -17.87 25.04
CA PHE B 196 28.64 -16.53 25.64
C PHE B 196 29.27 -16.52 27.06
N PRO B 197 29.99 -15.44 27.43
CA PRO B 197 30.36 -15.30 28.84
C PRO B 197 29.18 -14.78 29.68
N GLU B 198 29.25 -14.97 30.99
CA GLU B 198 28.17 -14.52 31.89
C GLU B 198 28.16 -12.99 31.96
N LEU B 199 26.96 -12.44 32.12
CA LEU B 199 26.78 -11.01 32.39
C LEU B 199 27.09 -10.72 33.85
N GLU B 200 28.08 -9.87 34.08
CA GLU B 200 28.47 -9.50 35.43
C GLU B 200 27.59 -8.37 35.92
N PRO B 201 27.04 -8.48 37.15
CA PRO B 201 26.25 -7.36 37.68
C PRO B 201 27.05 -6.04 37.73
N ASN B 202 26.36 -4.89 37.82
CA ASN B 202 27.05 -3.61 38.12
C ASN B 202 27.83 -3.75 39.45
N SER B 203 29.04 -3.18 39.48
CA SER B 203 29.87 -3.04 40.67
C SER B 203 29.85 -1.59 41.19
N VAL B 204 29.56 -0.65 40.29
CA VAL B 204 29.47 0.78 40.60
C VAL B 204 28.01 1.21 40.89
N THR B 205 27.79 1.65 42.13
CA THR B 205 26.67 2.53 42.69
C THR B 205 25.73 1.75 43.58
N LYS B 239 -12.08 -6.51 21.27
CA LYS B 239 -11.36 -5.86 20.17
C LYS B 239 -10.44 -6.80 19.36
N ASP B 240 -10.24 -8.03 19.86
CA ASP B 240 -9.49 -9.08 19.13
C ASP B 240 -9.92 -10.46 19.66
N PRO B 241 -11.22 -10.77 19.59
CA PRO B 241 -11.76 -11.90 20.35
C PRO B 241 -11.49 -13.30 19.76
N LEU B 242 -10.87 -13.39 18.58
CA LEU B 242 -10.49 -14.68 18.01
C LEU B 242 -9.16 -15.20 18.56
N PHE B 243 -8.30 -14.29 19.01
CA PHE B 243 -6.96 -14.64 19.47
C PHE B 243 -6.99 -15.48 20.75
N GLU B 244 -6.23 -16.57 20.75
CA GLU B 244 -6.13 -17.48 21.87
C GLU B 244 -4.73 -17.37 22.49
N PRO B 245 -4.61 -16.61 23.60
CA PRO B 245 -3.29 -16.24 24.12
C PRO B 245 -2.49 -17.34 24.80
N TRP B 246 -3.09 -18.50 25.06
CA TRP B 246 -2.42 -19.57 25.83
C TRP B 246 -1.37 -20.40 25.06
N HIS B 247 -1.36 -20.32 23.73
CA HIS B 247 -0.44 -21.15 22.92
C HIS B 247 1.04 -20.82 23.14
N PHE B 248 1.38 -19.54 23.23
CA PHE B 248 2.78 -19.11 23.42
C PHE B 248 2.90 -18.15 24.60
N GLU B 249 3.48 -18.65 25.71
CA GLU B 249 3.74 -17.83 26.88
C GLU B 249 4.99 -16.93 26.66
N PRO B 250 4.88 -15.62 26.91
CA PRO B 250 6.02 -14.72 26.63
C PRO B 250 7.18 -14.78 27.63
N GLY B 251 8.37 -14.38 27.17
CA GLY B 251 9.53 -14.14 28.05
C GLY B 251 10.70 -15.10 27.89
N GLU B 252 11.83 -14.68 28.45
CA GLU B 252 13.09 -15.45 28.46
C GLU B 252 12.96 -16.85 29.02
N LYS B 253 12.35 -16.98 30.21
CA LYS B 253 12.24 -18.29 30.88
C LYS B 253 11.37 -19.24 30.05
N ALA B 254 10.23 -18.75 29.57
CA ALA B 254 9.34 -19.56 28.72
C ALA B 254 10.01 -19.88 27.39
N ALA B 255 10.76 -18.93 26.84
CA ALA B 255 11.49 -19.13 25.58
C ALA B 255 12.48 -20.28 25.67
N LYS B 256 13.15 -20.40 26.83
CA LYS B 256 14.09 -21.49 27.07
C LYS B 256 13.42 -22.87 27.17
N LYS B 257 12.26 -22.94 27.82
CA LYS B 257 11.49 -24.21 27.89
C LYS B 257 10.97 -24.72 26.53
N VAL B 258 10.66 -23.79 25.63
CA VAL B 258 10.26 -24.10 24.25
C VAL B 258 11.44 -24.68 23.43
N MET B 259 12.63 -24.11 23.61
CA MET B 259 13.86 -24.61 22.96
C MET B 259 14.21 -26.03 23.44
N GLU B 260 14.11 -26.26 24.75
CA GLU B 260 14.49 -27.55 25.34
C GLU B 260 13.53 -28.69 24.98
N SER B 261 12.23 -28.38 24.89
CA SER B 261 11.24 -29.38 24.45
C SER B 261 11.27 -29.64 22.94
N PHE B 262 11.75 -28.68 22.14
CA PHE B 262 11.97 -28.93 20.71
C PHE B 262 13.05 -30.01 20.57
N ILE B 263 14.15 -29.84 21.30
CA ILE B 263 15.27 -30.77 21.24
C ILE B 263 14.87 -32.15 21.79
N ALA B 264 14.17 -32.16 22.92
CA ALA B 264 13.74 -33.40 23.57
C ALA B 264 12.73 -34.18 22.74
N ASP B 265 11.75 -33.48 22.18
CA ASP B 265 10.58 -34.10 21.56
C ASP B 265 10.51 -33.99 20.02
N ARG B 266 10.81 -32.82 19.47
CA ARG B 266 10.43 -32.49 18.07
C ARG B 266 11.59 -32.51 17.04
N LEU B 267 12.83 -32.37 17.48
CA LEU B 267 13.98 -32.27 16.56
C LEU B 267 14.24 -33.57 15.78
N ASP B 268 14.04 -34.72 16.42
CA ASP B 268 14.33 -36.02 15.81
C ASP B 268 13.62 -36.21 14.46
N SER B 269 12.34 -35.84 14.42
CA SER B 269 11.50 -36.07 13.23
C SER B 269 11.24 -34.79 12.43
N TYR B 270 11.94 -33.70 12.77
CA TYR B 270 11.80 -32.41 12.09
C TYR B 270 12.15 -32.48 10.60
N GLY B 271 13.28 -33.11 10.28
CA GLY B 271 13.72 -33.27 8.89
C GLY B 271 12.76 -34.09 8.05
N ALA B 272 11.96 -34.95 8.70
CA ALA B 272 10.89 -35.69 8.04
C ALA B 272 9.60 -34.85 7.92
N LEU B 273 9.22 -34.14 8.98
CA LEU B 273 7.86 -33.57 9.09
C LEU B 273 7.79 -32.03 9.18
N ARG B 274 8.86 -31.33 8.83
CA ARG B 274 8.86 -29.85 8.91
C ARG B 274 7.88 -29.20 7.94
N ASN B 275 7.47 -29.93 6.90
CA ASN B 275 6.54 -29.40 5.90
C ASN B 275 5.15 -30.04 5.94
N ASP B 276 4.87 -30.75 7.04
CA ASP B 276 3.53 -31.32 7.29
C ASP B 276 2.82 -30.44 8.35
N PRO B 277 1.91 -29.55 7.91
CA PRO B 277 1.25 -28.63 8.83
C PRO B 277 0.20 -29.24 9.76
N THR B 278 -0.08 -30.54 9.66
CA THR B 278 -0.94 -31.24 10.61
C THR B 278 -0.15 -31.84 11.80
N LYS B 279 1.18 -31.76 11.74
CA LYS B 279 2.03 -32.17 12.84
C LYS B 279 2.67 -30.95 13.50
N ASN B 280 2.48 -30.81 14.82
CA ASN B 280 3.19 -29.79 15.57
C ASN B 280 4.64 -30.25 15.74
N MET B 281 5.45 -30.14 14.70
CA MET B 281 6.85 -30.58 14.77
C MET B 281 7.89 -29.49 14.50
N LEU B 282 7.44 -28.25 14.32
CA LEU B 282 8.37 -27.14 14.19
C LEU B 282 8.91 -26.77 15.58
N SER B 283 9.88 -25.86 15.64
CA SER B 283 10.44 -25.42 16.91
C SER B 283 9.47 -24.58 17.74
N ASN B 284 8.63 -23.80 17.06
CA ASN B 284 7.81 -22.75 17.69
C ASN B 284 8.64 -21.63 18.36
N LEU B 285 9.83 -21.36 17.82
CA LEU B 285 10.75 -20.38 18.43
C LEU B 285 10.63 -18.97 17.82
N SER B 286 9.98 -18.84 16.67
CA SER B 286 9.98 -17.58 15.94
C SER B 286 9.47 -16.36 16.72
N PRO B 287 8.37 -16.50 17.51
CA PRO B 287 7.93 -15.31 18.26
C PRO B 287 8.98 -14.80 19.24
N TYR B 288 9.68 -15.73 19.89
CA TYR B 288 10.74 -15.42 20.83
C TYR B 288 11.99 -14.90 20.13
N LEU B 289 12.34 -15.52 19.00
CA LEU B 289 13.46 -15.08 18.19
C LEU B 289 13.24 -13.63 17.66
N HIS B 290 12.01 -13.31 17.25
CA HIS B 290 11.68 -11.98 16.71
C HIS B 290 11.89 -10.81 17.70
N PHE B 291 11.33 -10.94 18.90
CA PHE B 291 11.53 -9.98 19.97
C PHE B 291 12.88 -10.11 20.69
N GLY B 292 13.69 -11.09 20.30
CA GLY B 292 15.00 -11.32 20.90
C GLY B 292 14.93 -11.79 22.34
N GLN B 293 13.87 -12.52 22.68
CA GLN B 293 13.74 -13.05 24.04
C GLN B 293 14.59 -14.32 24.17
N ILE B 294 15.05 -14.84 23.04
CA ILE B 294 16.02 -15.95 22.99
C ILE B 294 17.04 -15.70 21.86
N SER B 295 18.29 -16.12 22.07
CA SER B 295 19.38 -15.96 21.09
C SER B 295 19.36 -17.11 20.08
N SER B 296 19.49 -16.78 18.80
CA SER B 296 19.63 -17.85 17.80
C SER B 296 20.99 -18.58 17.90
N GLN B 297 22.05 -17.85 18.23
CA GLN B 297 23.36 -18.48 18.54
C GLN B 297 23.27 -19.49 19.69
N ARG B 298 22.51 -19.15 20.73
CA ARG B 298 22.23 -20.08 21.83
C ARG B 298 21.51 -21.34 21.33
N VAL B 299 20.41 -21.17 20.58
CA VAL B 299 19.67 -22.31 20.03
C VAL B 299 20.56 -23.24 19.19
N VAL B 300 21.42 -22.63 18.35
CA VAL B 300 22.34 -23.37 17.47
C VAL B 300 23.38 -24.15 18.27
N LEU B 301 23.95 -23.54 19.31
CA LEU B 301 24.93 -24.23 20.18
C LEU B 301 24.34 -25.49 20.84
N GLU B 302 23.08 -25.38 21.29
CA GLU B 302 22.38 -26.48 21.99
C GLU B 302 21.93 -27.61 21.05
N VAL B 303 21.42 -27.25 19.87
CA VAL B 303 21.11 -28.24 18.84
C VAL B 303 22.39 -29.00 18.42
N GLU B 304 23.51 -28.30 18.22
CA GLU B 304 24.77 -28.96 17.83
C GLU B 304 25.21 -30.00 18.86
N LYS B 305 25.00 -29.69 20.15
CA LYS B 305 25.33 -30.62 21.25
C LYS B 305 24.43 -31.87 21.28
N ALA B 306 23.24 -31.77 20.69
CA ALA B 306 22.23 -32.83 20.79
C ALA B 306 22.62 -34.06 19.97
N GLU B 307 22.28 -35.23 20.49
CA GLU B 307 22.39 -36.47 19.74
C GLU B 307 21.05 -36.69 19.06
N SER B 308 20.98 -36.45 17.75
CA SER B 308 19.80 -36.84 16.98
C SER B 308 20.15 -37.01 15.50
N ASN B 309 19.13 -37.26 14.66
CA ASN B 309 19.31 -37.47 13.21
C ASN B 309 20.17 -36.37 12.54
N PRO B 310 21.14 -36.76 11.68
CA PRO B 310 21.98 -35.77 10.96
C PRO B 310 21.26 -34.94 9.91
N GLY B 311 20.33 -35.58 9.20
CA GLY B 311 19.48 -34.87 8.23
C GLY B 311 18.54 -33.86 8.89
N SER B 312 18.16 -34.13 10.14
CA SER B 312 17.30 -33.24 10.91
C SER B 312 18.07 -32.02 11.40
N LYS B 313 19.23 -32.26 12.01
CA LYS B 313 20.10 -31.17 12.48
C LYS B 313 20.53 -30.26 11.32
N LYS B 314 20.88 -30.87 10.19
CA LYS B 314 21.21 -30.14 8.98
C LYS B 314 20.02 -29.28 8.50
N ALA B 315 18.83 -29.88 8.40
CA ALA B 315 17.60 -29.18 7.96
C ALA B 315 17.22 -28.01 8.88
N PHE B 316 17.34 -28.19 10.19
CA PHE B 316 17.02 -27.11 11.14
C PHE B 316 18.07 -26.01 11.11
N LEU B 317 19.34 -26.40 11.08
CA LEU B 317 20.43 -25.42 11.07
C LEU B 317 20.48 -24.62 9.77
N ASP B 318 20.02 -25.20 8.65
CA ASP B 318 19.78 -24.43 7.43
C ASP B 318 18.71 -23.34 7.57
N GLU B 319 17.66 -23.61 8.35
CA GLU B 319 16.56 -22.65 8.50
C GLU B 319 16.94 -21.49 9.45
N ILE B 320 17.53 -21.80 10.59
CA ILE B 320 17.83 -20.78 11.59
C ILE B 320 19.15 -20.01 11.29
N LEU B 321 20.05 -20.60 10.49
CA LEU B 321 21.29 -19.92 10.07
C LEU B 321 21.19 -19.30 8.67
N ILE B 322 21.02 -20.13 7.62
CA ILE B 322 21.06 -19.63 6.23
C ILE B 322 19.88 -18.75 5.86
N TRP B 323 18.65 -19.22 6.13
CA TRP B 323 17.45 -18.49 5.72
C TRP B 323 17.12 -17.30 6.61
N LYS B 324 17.28 -17.45 7.92
CA LYS B 324 17.13 -16.29 8.82
C LYS B 324 18.14 -15.19 8.50
N GLU B 325 19.43 -15.54 8.37
CA GLU B 325 20.45 -14.51 8.19
C GLU B 325 20.54 -13.94 6.76
N ILE B 326 20.11 -14.71 5.75
CA ILE B 326 19.96 -14.18 4.39
C ILE B 326 18.77 -13.21 4.30
N SER B 327 17.85 -13.26 5.26
CA SER B 327 16.76 -12.29 5.30
C SER B 327 17.25 -10.92 5.80
N ASP B 328 18.15 -10.90 6.80
CA ASP B 328 18.87 -9.67 7.15
C ASP B 328 19.74 -9.15 6.00
N ASN B 329 20.41 -10.06 5.28
CA ASN B 329 21.18 -9.67 4.08
C ASN B 329 20.32 -8.90 3.03
N PHE B 330 19.12 -9.43 2.75
CA PHE B 330 18.19 -8.85 1.80
C PHE B 330 17.74 -7.42 2.19
N CYS B 331 17.28 -7.24 3.43
CA CYS B 331 16.81 -5.93 3.87
C CYS B 331 17.94 -4.92 4.00
N TYR B 332 19.10 -5.38 4.48
CA TYR B 332 20.27 -4.54 4.67
C TYR B 332 20.81 -3.95 3.37
N TYR B 333 20.88 -4.75 2.29
CA TYR B 333 21.39 -4.28 0.99
C TYR B 333 20.33 -3.87 -0.05
N ASN B 334 19.06 -3.94 0.31
CA ASN B 334 17.94 -3.53 -0.55
C ASN B 334 16.95 -2.67 0.26
N PRO B 335 17.13 -1.32 0.28
CA PRO B 335 16.24 -0.50 1.14
C PRO B 335 14.77 -0.51 0.75
N GLY B 336 14.47 -0.89 -0.50
CA GLY B 336 13.09 -1.10 -0.94
C GLY B 336 12.63 -2.55 -0.79
N TYR B 337 13.07 -3.20 0.29
CA TYR B 337 12.82 -4.65 0.55
C TYR B 337 11.34 -5.08 0.58
N ASP B 338 10.43 -4.13 0.79
CA ASP B 338 8.97 -4.39 0.86
C ASP B 338 8.21 -3.84 -0.34
N GLY B 339 8.91 -3.66 -1.47
CA GLY B 339 8.29 -3.16 -2.70
C GLY B 339 8.64 -3.98 -3.92
N PHE B 340 7.83 -3.85 -4.97
CA PHE B 340 7.99 -4.54 -6.25
C PHE B 340 9.37 -4.29 -6.88
N GLU B 341 9.92 -3.10 -6.65
CA GLU B 341 11.19 -2.71 -7.28
C GLU B 341 12.36 -3.59 -6.83
N SER B 342 12.24 -4.19 -5.64
CA SER B 342 13.28 -5.07 -5.10
C SER B 342 13.26 -6.47 -5.70
N PHE B 343 12.23 -6.80 -6.48
CA PHE B 343 12.19 -8.08 -7.19
C PHE B 343 13.32 -8.15 -8.22
N PRO B 344 13.78 -9.37 -8.56
CA PRO B 344 14.76 -9.52 -9.65
C PRO B 344 14.17 -9.12 -11.01
N SER B 345 15.02 -8.72 -11.97
CA SER B 345 14.52 -8.18 -13.23
CA SER B 345 14.54 -8.19 -13.25
C SER B 345 13.65 -9.18 -13.98
N TRP B 346 14.05 -10.46 -13.99
CA TRP B 346 13.26 -11.47 -14.69
C TRP B 346 11.82 -11.54 -14.16
N ALA B 347 11.64 -11.36 -12.86
CA ALA B 347 10.34 -11.49 -12.22
C ALA B 347 9.48 -10.24 -12.44
N LYS B 348 10.12 -9.06 -12.43
CA LYS B 348 9.44 -7.82 -12.75
C LYS B 348 8.95 -7.84 -14.20
N GLU B 349 9.83 -8.20 -15.14
CA GLU B 349 9.43 -8.31 -16.56
C GLU B 349 8.24 -9.23 -16.79
N SER B 350 8.27 -10.38 -16.12
CA SER B 350 7.27 -11.45 -16.30
C SER B 350 5.91 -11.03 -15.75
N LEU B 351 5.90 -10.59 -14.49
CA LEU B 351 4.69 -10.02 -13.88
C LEU B 351 4.12 -8.83 -14.67
N ASN B 352 4.98 -7.92 -15.14
CA ASN B 352 4.54 -6.80 -15.97
C ASN B 352 3.81 -7.27 -17.23
N ALA B 353 4.31 -8.33 -17.86
CA ALA B 353 3.69 -8.89 -19.07
C ALA B 353 2.30 -9.46 -18.85
N HIS B 354 1.89 -9.67 -17.59
CA HIS B 354 0.61 -10.34 -17.27
C HIS B 354 -0.37 -9.49 -16.44
N ARG B 355 -0.12 -8.18 -16.35
CA ARG B 355 -0.94 -7.28 -15.55
C ARG B 355 -2.39 -7.16 -16.02
N ASN B 356 -2.63 -7.31 -17.33
CA ASN B 356 -3.99 -7.21 -17.92
C ASN B 356 -4.74 -8.53 -18.02
N ASP B 357 -4.12 -9.64 -17.64
CA ASP B 357 -4.76 -10.96 -17.70
C ASP B 357 -5.94 -11.02 -16.74
N VAL B 358 -7.03 -11.68 -17.16
CA VAL B 358 -8.21 -11.82 -16.30
C VAL B 358 -7.82 -12.69 -15.09
N ARG B 359 -8.16 -12.24 -13.89
CA ARG B 359 -8.05 -13.04 -12.65
C ARG B 359 -9.24 -14.01 -12.48
N SER B 360 -9.00 -15.24 -12.02
CA SER B 360 -10.11 -16.17 -11.78
C SER B 360 -11.01 -15.62 -10.65
N HIS B 361 -10.39 -15.00 -9.65
CA HIS B 361 -11.09 -14.30 -8.56
C HIS B 361 -10.33 -13.08 -8.12
N ILE B 362 -11.04 -12.09 -7.57
CA ILE B 362 -10.38 -10.94 -6.95
C ILE B 362 -11.03 -10.66 -5.60
N TYR B 363 -10.25 -10.79 -4.53
CA TYR B 363 -10.73 -10.52 -3.16
C TYR B 363 -10.17 -9.20 -2.62
N THR B 364 -10.93 -8.56 -1.73
CA THR B 364 -10.49 -7.35 -1.06
C THR B 364 -9.65 -7.75 0.14
N LEU B 365 -8.94 -6.79 0.73
CA LEU B 365 -8.20 -7.04 1.99
C LEU B 365 -9.13 -7.62 3.07
N GLU B 366 -10.30 -7.02 3.21
CA GLU B 366 -11.30 -7.45 4.21
C GLU B 366 -11.79 -8.90 4.04
N GLU B 367 -11.90 -9.35 2.79
CA GLU B 367 -12.32 -10.72 2.50
C GLU B 367 -11.20 -11.71 2.73
N PHE B 368 -9.97 -11.34 2.35
CA PHE B 368 -8.79 -12.12 2.71
C PHE B 368 -8.67 -12.21 4.26
N GLU B 369 -8.81 -11.06 4.92
CA GLU B 369 -8.70 -10.96 6.38
C GLU B 369 -9.69 -11.84 7.16
N ALA B 370 -10.96 -11.88 6.74
CA ALA B 370 -12.02 -12.66 7.42
C ALA B 370 -12.06 -14.13 7.02
N GLY B 371 -11.21 -14.54 6.09
CA GLY B 371 -11.11 -15.95 5.67
C GLY B 371 -12.26 -16.37 4.76
N LYS B 372 -12.69 -15.47 3.87
CA LYS B 372 -13.88 -15.70 3.06
C LYS B 372 -13.57 -15.86 1.57
N THR B 373 -12.56 -16.67 1.23
CA THR B 373 -12.32 -17.08 -0.17
C THR B 373 -13.05 -18.40 -0.52
N HIS B 374 -13.01 -18.76 -1.81
CA HIS B 374 -13.53 -20.03 -2.31
C HIS B 374 -12.69 -21.25 -1.91
N ASP B 375 -11.44 -21.00 -1.49
CA ASP B 375 -10.48 -22.07 -1.19
C ASP B 375 -10.52 -22.37 0.31
N PRO B 376 -10.95 -23.59 0.68
CA PRO B 376 -11.11 -23.92 2.10
C PRO B 376 -9.79 -24.16 2.83
N LEU B 377 -8.75 -24.55 2.07
CA LEU B 377 -7.38 -24.62 2.61
C LEU B 377 -6.77 -23.22 2.81
N TRP B 378 -7.02 -22.29 1.90
CA TRP B 378 -6.53 -20.91 2.10
C TRP B 378 -7.18 -20.35 3.37
N ASN B 379 -8.49 -20.57 3.49
CA ASN B 379 -9.29 -20.05 4.60
C ASN B 379 -8.84 -20.63 5.96
N ALA B 380 -8.55 -21.93 5.98
CA ALA B 380 -8.06 -22.59 7.19
C ALA B 380 -6.67 -22.10 7.61
N SER B 381 -5.82 -21.77 6.64
CA SER B 381 -4.52 -21.16 6.91
C SER B 381 -4.65 -19.78 7.56
N GLN B 382 -5.55 -18.97 7.01
CA GLN B 382 -5.87 -17.67 7.61
C GLN B 382 -6.44 -17.84 9.05
N MET B 383 -7.26 -18.86 9.25
CA MET B 383 -7.89 -19.07 10.56
C MET B 383 -6.89 -19.49 11.63
N GLU B 384 -5.83 -20.21 11.22
CA GLU B 384 -4.75 -20.56 12.13
C GLU B 384 -4.01 -19.29 12.55
N LEU B 385 -3.67 -18.44 11.57
CA LEU B 385 -3.10 -17.12 11.84
C LEU B 385 -3.97 -16.34 12.81
N LEU B 386 -5.28 -16.27 12.56
CA LEU B 386 -6.17 -15.47 13.41
C LEU B 386 -6.27 -15.97 14.86
N SER B 387 -6.41 -17.28 15.04
CA SER B 387 -6.66 -17.85 16.37
C SER B 387 -5.38 -18.05 17.21
N THR B 388 -4.25 -18.38 16.56
CA THR B 388 -3.01 -18.67 17.30
C THR B 388 -1.94 -17.55 17.26
N GLY B 389 -1.89 -16.80 16.15
CA GLY B 389 -0.81 -15.83 15.91
C GLY B 389 0.43 -16.43 15.29
N LYS B 390 0.33 -17.66 14.75
CA LYS B 390 1.47 -18.30 14.10
C LYS B 390 1.04 -19.33 13.06
N MET B 391 1.13 -18.96 11.78
CA MET B 391 0.76 -19.87 10.68
C MET B 391 1.93 -20.82 10.39
N HIS B 392 1.63 -22.08 10.12
CA HIS B 392 2.67 -23.06 9.79
C HIS B 392 3.48 -22.59 8.58
N GLY B 393 4.79 -22.82 8.63
CA GLY B 393 5.71 -22.37 7.58
C GLY B 393 5.38 -22.79 6.16
N TYR B 394 4.83 -24.00 5.98
CA TYR B 394 4.50 -24.49 4.62
C TYR B 394 3.30 -23.76 4.03
N THR B 395 2.26 -23.56 4.85
CA THR B 395 1.05 -22.90 4.36
C THR B 395 1.24 -21.39 4.16
N ARG B 396 2.25 -20.80 4.80
CA ARG B 396 2.59 -19.39 4.55
C ARG B 396 2.95 -19.17 3.09
N MET B 397 3.73 -20.07 2.49
CA MET B 397 4.08 -19.98 1.07
C MET B 397 2.84 -20.04 0.18
N TYR B 398 1.96 -21.01 0.46
CA TYR B 398 0.72 -21.20 -0.30
C TYR B 398 -0.21 -19.98 -0.14
N TRP B 399 -0.35 -19.53 1.10
CA TRP B 399 -1.14 -18.34 1.47
C TRP B 399 -0.69 -17.09 0.69
N ALA B 400 0.59 -16.73 0.77
CA ALA B 400 1.09 -15.54 0.02
C ALA B 400 0.93 -15.70 -1.49
N LYS B 401 1.13 -16.91 -2.03
CA LYS B 401 1.06 -17.12 -3.49
C LYS B 401 -0.36 -16.99 -4.05
N LYS B 402 -1.36 -17.44 -3.27
CA LYS B 402 -2.76 -17.24 -3.66
C LYS B 402 -3.20 -15.80 -3.54
N ILE B 403 -2.60 -15.03 -2.63
CA ILE B 403 -2.86 -13.59 -2.62
C ILE B 403 -2.45 -12.94 -3.97
N LEU B 404 -1.29 -13.28 -4.53
CA LEU B 404 -0.90 -12.80 -5.88
C LEU B 404 -1.88 -13.22 -6.96
N GLU B 405 -2.39 -14.44 -6.85
CA GLU B 405 -3.23 -15.01 -7.89
C GLU B 405 -4.63 -14.38 -7.90
N TRP B 406 -5.10 -13.95 -6.73
CA TRP B 406 -6.48 -13.45 -6.57
C TRP B 406 -6.53 -11.97 -6.12
N SER B 407 -5.57 -11.16 -6.55
CA SER B 407 -5.63 -9.72 -6.34
C SER B 407 -5.51 -8.96 -7.67
N GLU B 408 -5.86 -7.68 -7.68
CA GLU B 408 -5.96 -6.96 -8.97
C GLU B 408 -4.61 -6.59 -9.61
N SER B 409 -3.54 -6.53 -8.81
CA SER B 409 -2.19 -6.27 -9.33
C SER B 409 -1.12 -6.83 -8.39
N PRO B 410 0.11 -7.02 -8.89
CA PRO B 410 1.24 -7.39 -8.04
C PRO B 410 1.50 -6.47 -6.84
N GLU B 411 1.36 -5.16 -7.03
CA GLU B 411 1.56 -4.20 -5.92
C GLU B 411 0.55 -4.40 -4.80
N LYS B 412 -0.72 -4.56 -5.15
CA LYS B 412 -1.79 -4.73 -4.18
C LYS B 412 -1.63 -6.06 -3.40
N ALA B 413 -1.17 -7.10 -4.10
CA ALA B 413 -0.84 -8.40 -3.48
C ALA B 413 0.22 -8.24 -2.40
N LEU B 414 1.34 -7.60 -2.74
CA LEU B 414 2.36 -7.25 -1.74
C LEU B 414 1.80 -6.50 -0.52
N GLU B 415 0.96 -5.50 -0.76
CA GLU B 415 0.35 -4.70 0.32
C GLU B 415 -0.47 -5.55 1.28
N ILE B 416 -1.35 -6.37 0.70
CA ILE B 416 -2.24 -7.26 1.44
C ILE B 416 -1.48 -8.33 2.26
N ALA B 417 -0.51 -9.00 1.63
CA ALA B 417 0.30 -10.02 2.32
C ALA B 417 1.05 -9.41 3.53
N ILE B 418 1.68 -8.26 3.31
CA ILE B 418 2.43 -7.54 4.37
C ILE B 418 1.48 -7.03 5.46
N CYS B 419 0.35 -6.44 5.09
CA CYS B 419 -0.63 -5.95 6.08
C CYS B 419 -1.06 -7.09 7.03
N LEU B 420 -1.50 -8.21 6.49
CA LEU B 420 -2.02 -9.32 7.30
C LEU B 420 -0.94 -10.08 8.11
N ASN B 421 0.25 -10.25 7.54
CA ASN B 421 1.37 -10.86 8.23
C ASN B 421 1.82 -10.01 9.43
N ASP B 422 2.01 -8.71 9.21
CA ASP B 422 2.44 -7.79 10.27
C ASP B 422 1.35 -7.55 11.34
N ARG B 423 0.08 -7.50 10.93
CA ARG B 423 -1.03 -7.35 11.88
C ARG B 423 -1.29 -8.56 12.78
N TYR B 424 -1.11 -9.79 12.28
CA TYR B 424 -1.55 -11.02 13.02
C TYR B 424 -0.49 -12.02 13.46
N GLU B 425 0.69 -12.02 12.81
CA GLU B 425 1.75 -12.95 13.22
C GLU B 425 2.47 -12.35 14.44
N LEU B 426 2.62 -13.15 15.51
CA LEU B 426 3.45 -12.75 16.65
C LEU B 426 4.92 -12.54 16.23
N ASP B 427 5.36 -13.20 15.15
CA ASP B 427 6.73 -13.06 14.63
C ASP B 427 6.89 -12.03 13.49
N GLY B 428 5.82 -11.29 13.19
CA GLY B 428 5.85 -10.29 12.11
C GLY B 428 6.60 -8.99 12.38
N ARG B 429 6.49 -8.06 11.43
CA ARG B 429 7.38 -6.88 11.36
C ARG B 429 8.86 -7.29 11.47
N ASP B 430 9.26 -8.21 10.62
CA ASP B 430 10.55 -8.87 10.73
C ASP B 430 11.15 -9.06 9.33
N PRO B 431 12.50 -8.98 9.22
CA PRO B 431 13.15 -9.22 7.92
C PRO B 431 12.79 -10.58 7.31
N ASN B 432 12.62 -11.61 8.14
CA ASN B 432 12.18 -12.91 7.65
C ASN B 432 10.86 -12.82 6.87
N GLY B 433 9.98 -11.94 7.35
CA GLY B 433 8.68 -11.76 6.75
C GLY B 433 8.73 -11.06 5.43
N TYR B 434 9.56 -10.02 5.33
CA TYR B 434 9.66 -9.30 4.05
C TYR B 434 10.39 -10.17 3.02
N ALA B 435 11.42 -10.89 3.44
CA ALA B 435 12.14 -11.84 2.56
C ALA B 435 11.29 -13.05 2.14
N GLY B 436 10.42 -13.52 3.01
CA GLY B 436 9.59 -14.69 2.72
C GLY B 436 8.45 -14.37 1.76
N ILE B 437 7.86 -13.20 1.96
CA ILE B 437 6.82 -12.67 1.07
C ILE B 437 7.44 -12.32 -0.30
N ALA B 438 8.63 -11.71 -0.32
CA ALA B 438 9.30 -11.41 -1.63
C ALA B 438 9.67 -12.70 -2.37
N TRP B 439 10.07 -13.73 -1.63
CA TRP B 439 10.26 -15.08 -2.21
C TRP B 439 8.97 -15.64 -2.85
N SER B 440 7.87 -15.53 -2.11
CA SER B 440 6.57 -16.09 -2.51
C SER B 440 5.95 -15.36 -3.71
N ILE B 441 5.95 -14.03 -3.65
CA ILE B 441 5.29 -13.17 -4.65
C ILE B 441 6.20 -12.68 -5.80
N GLY B 442 7.50 -12.53 -5.53
CA GLY B 442 8.42 -11.88 -6.50
C GLY B 442 9.66 -12.65 -6.91
N GLY B 443 9.79 -13.90 -6.46
CA GLY B 443 10.91 -14.76 -6.84
C GLY B 443 12.28 -14.44 -6.25
N VAL B 444 12.30 -13.60 -5.21
CA VAL B 444 13.56 -13.27 -4.54
C VAL B 444 14.13 -14.51 -3.85
N HIS B 445 15.36 -14.85 -4.20
CA HIS B 445 16.05 -16.06 -3.74
C HIS B 445 15.48 -17.36 -4.35
N ASP B 446 14.76 -17.21 -5.47
CA ASP B 446 14.20 -18.35 -6.20
C ASP B 446 14.59 -18.24 -7.67
N ARG B 447 14.11 -19.17 -8.49
CA ARG B 447 14.32 -19.09 -9.95
C ARG B 447 12.98 -19.09 -10.67
N ALA B 448 13.05 -19.01 -12.01
CA ALA B 448 11.89 -18.91 -12.90
C ALA B 448 11.36 -20.30 -13.28
N TRP B 449 10.05 -20.40 -13.43
CA TRP B 449 9.36 -21.65 -13.72
C TRP B 449 8.41 -21.44 -14.89
N GLY B 450 7.70 -22.49 -15.29
CA GLY B 450 6.79 -22.45 -16.43
C GLY B 450 5.87 -21.24 -16.45
N GLU B 451 5.70 -20.64 -17.63
CA GLU B 451 4.95 -19.40 -17.72
C GLU B 451 3.45 -19.66 -17.68
N ARG B 452 2.76 -18.95 -16.77
CA ARG B 452 1.31 -19.03 -16.62
C ARG B 452 0.70 -17.64 -16.77
N GLU B 453 -0.59 -17.61 -17.07
CA GLU B 453 -1.39 -16.40 -16.95
C GLU B 453 -1.40 -15.88 -15.51
N VAL B 454 -1.46 -14.55 -15.38
CA VAL B 454 -1.54 -13.79 -14.10
C VAL B 454 -0.21 -13.74 -13.35
N THR B 455 0.31 -14.91 -12.99
CA THR B 455 1.50 -15.02 -12.14
C THR B 455 2.81 -15.24 -12.93
N GLY B 456 2.72 -15.27 -14.26
CA GLY B 456 3.89 -15.42 -15.13
C GLY B 456 4.79 -16.60 -14.77
N LYS B 457 6.08 -16.30 -14.62
CA LYS B 457 7.11 -17.32 -14.32
C LYS B 457 7.44 -17.50 -12.83
N ILE B 458 6.64 -16.91 -11.94
CA ILE B 458 6.75 -17.12 -10.49
C ILE B 458 6.34 -18.58 -10.15
N ARG B 459 7.07 -19.22 -9.23
CA ARG B 459 6.80 -20.62 -8.85
C ARG B 459 5.35 -20.74 -8.36
N TYR B 460 4.67 -21.79 -8.82
CA TYR B 460 3.24 -21.99 -8.58
C TYR B 460 3.03 -23.15 -7.58
N MET B 461 2.06 -22.99 -6.66
CA MET B 461 1.63 -24.05 -5.74
C MET B 461 0.11 -24.23 -5.86
N SER B 462 -0.36 -25.46 -5.99
CA SER B 462 -1.78 -25.73 -6.24
C SER B 462 -2.43 -26.45 -5.08
N TYR B 463 -3.76 -26.32 -4.97
CA TYR B 463 -4.57 -27.06 -3.99
C TYR B 463 -4.33 -28.59 -4.08
N GLU B 464 -4.44 -29.15 -5.28
CA GLU B 464 -4.23 -30.58 -5.47
C GLU B 464 -2.76 -31.00 -5.19
N GLY B 465 -1.82 -30.07 -5.39
CA GLY B 465 -0.43 -30.33 -5.03
C GLY B 465 -0.26 -30.50 -3.53
N CYS B 466 -1.01 -29.73 -2.75
CA CYS B 466 -1.01 -29.87 -1.28
C CYS B 466 -1.70 -31.16 -0.83
N LYS B 467 -2.76 -31.56 -1.53
CA LYS B 467 -3.47 -32.80 -1.23
C LYS B 467 -2.57 -34.05 -1.32
N ARG B 468 -1.66 -34.06 -2.30
CA ARG B 468 -0.69 -35.15 -2.49
C ARG B 468 0.32 -35.25 -1.35
N LYS B 469 0.61 -34.12 -0.71
CA LYS B 469 1.72 -34.00 0.23
C LYS B 469 1.32 -34.21 1.70
N PHE B 470 0.11 -33.79 2.07
CA PHE B 470 -0.37 -33.91 3.47
C PHE B 470 -1.89 -33.97 3.55
N ASP B 471 -2.38 -34.30 4.76
CA ASP B 471 -3.81 -34.45 5.01
C ASP B 471 -4.46 -33.05 5.11
N VAL B 472 -4.86 -32.54 3.94
CA VAL B 472 -5.46 -31.20 3.84
C VAL B 472 -6.80 -31.13 4.58
N LYS B 473 -7.56 -32.23 4.54
CA LYS B 473 -8.87 -32.32 5.19
C LYS B 473 -8.78 -32.14 6.71
N LEU B 474 -7.76 -32.73 7.33
CA LEU B 474 -7.58 -32.64 8.79
C LEU B 474 -7.14 -31.24 9.26
N TYR B 475 -6.37 -30.54 8.42
CA TYR B 475 -5.97 -29.15 8.68
C TYR B 475 -7.20 -28.22 8.69
N ILE B 476 -8.02 -28.31 7.64
CA ILE B 476 -9.30 -27.56 7.51
C ILE B 476 -10.22 -27.84 8.69
N GLU B 477 -10.28 -29.09 9.10
CA GLU B 477 -11.10 -29.54 10.21
C GLU B 477 -10.66 -28.88 11.53
N LYS B 478 -9.35 -28.89 11.75
CA LYS B 478 -8.74 -28.32 12.95
C LYS B 478 -8.89 -26.78 13.07
N TYR B 479 -9.04 -26.08 11.94
CA TYR B 479 -9.17 -24.62 11.95
C TYR B 479 -10.40 -24.11 11.21
N SER B 480 -11.56 -24.66 11.55
CA SER B 480 -12.81 -24.22 10.95
C SER B 480 -13.05 -22.73 11.23
P TT C 7 4.22 20.69 -21.56
O1P TT C 7 4.17 19.23 -21.44
O2P TT C 7 3.41 21.37 -22.58
O5' TT C 7 3.81 21.45 -20.23
C5' TT C 7 3.90 21.01 -18.93
C4' TT C 7 3.56 22.21 -18.04
O4' TT C 7 2.15 22.21 -17.60
C3' TT C 7 4.40 22.22 -16.76
O3' TT C 7 4.87 23.54 -16.50
C2' TT C 7 3.40 21.68 -15.74
C1' TT C 7 2.14 22.38 -16.19
N1 TT C 7 0.85 21.98 -15.54
C2 TT C 7 -0.27 22.71 -15.82
O2 TT C 7 -0.19 23.64 -16.57
N3 TT C 7 -1.52 22.14 -15.52
C4 TT C 7 -1.77 20.92 -14.95
O4 TT C 7 -2.92 20.49 -14.89
C5 TT C 7 -0.59 20.17 -14.44
C5A TT C 7 -0.59 18.77 -15.07
C6 TT C 7 0.81 20.85 -14.60
C7 TT C 7 5.71 23.75 -15.37
O5R TT C 7 4.93 23.98 -14.22
C5R TT C 7 4.19 25.20 -14.25
C4R TT C 7 3.16 25.19 -13.13
O4R TT C 7 2.00 24.41 -13.56
C3R TT C 7 3.59 24.56 -11.80
O3R TT C 7 3.33 25.41 -10.67
C2R TT C 7 2.72 23.32 -11.74
C1R TT C 7 1.46 23.81 -12.42
N1T TT C 7 0.40 22.84 -12.76
C2T TT C 7 -0.88 23.28 -12.60
O2T TT C 7 -1.17 24.45 -12.37
N3T TT C 7 -1.81 22.31 -12.18
C4T TT C 7 -1.61 20.97 -12.06
O4T TT C 7 -2.52 20.27 -11.63
C5M TT C 7 -0.04 19.07 -12.20
C6T TT C 7 0.65 21.46 -13.15
C5T TT C 7 -0.46 20.39 -12.87
P TT E 7 19.29 -23.08 -3.32
O1P TT E 7 19.66 -21.65 -3.16
O2P TT E 7 19.98 -24.08 -2.48
O5' TT E 7 17.72 -23.28 -3.20
C5' TT E 7 17.09 -23.25 -1.94
C4' TT E 7 16.15 -24.41 -1.73
O4' TT E 7 15.58 -24.36 -0.40
C3' TT E 7 14.95 -24.43 -2.68
O3' TT E 7 14.57 -25.79 -2.96
C2' TT E 7 13.93 -23.64 -1.86
C1' TT E 7 14.16 -24.28 -0.49
N1 TT E 7 13.58 -23.67 0.76
C2 TT E 7 13.84 -24.29 1.96
O2 TT E 7 14.55 -25.27 2.07
N3 TT E 7 13.49 -23.59 3.10
C4 TT E 7 13.02 -22.30 3.22
O4 TT E 7 12.94 -21.79 4.31
C5 TT E 7 12.58 -21.62 1.94
C5A TT E 7 13.29 -20.27 1.81
C6 TT E 7 12.71 -22.49 0.64
C7 TT E 7 13.51 -26.30 -3.76
O5R TT E 7 12.29 -26.12 -3.07
C5R TT E 7 11.97 -27.19 -2.21
C4R TT E 7 10.76 -26.87 -1.35
O4R TT E 7 11.18 -26.03 -0.23
C3R TT E 7 9.64 -26.09 -2.06
O3R TT E 7 8.36 -26.74 -1.93
C2R TT E 7 9.72 -24.70 -1.39
C1R TT E 7 10.12 -25.13 0.02
N1T TT E 7 10.48 -24.09 1.03
C2T TT E 7 10.15 -24.38 2.32
O2T TT E 7 10.08 -25.50 2.78
N3T TT E 7 10.01 -23.30 3.19
C4T TT E 7 10.08 -21.98 2.86
O4T TT E 7 9.65 -21.16 3.65
C5M TT E 7 10.56 -20.30 1.07
C6T TT E 7 11.19 -22.85 0.74
C5T TT E 7 11.01 -21.64 1.69
PA FAD G . -10.82 23.18 -13.08
O1A FAD G . -12.11 23.93 -13.20
O2A FAD G . -9.61 24.05 -12.93
O5B FAD G . -10.59 22.25 -14.38
C5B FAD G . -11.67 21.70 -15.14
C4B FAD G . -11.43 20.21 -15.42
O4B FAD G . -10.21 19.99 -16.12
C3B FAD G . -11.33 19.34 -14.18
O3B FAD G . -12.55 19.02 -13.56
C2B FAD G . -10.59 18.14 -14.73
O2B FAD G . -11.44 17.29 -15.44
C1B FAD G . -9.59 18.78 -15.67
N9A FAD G . -8.32 18.99 -14.98
C8A FAD G . -7.88 20.12 -14.30
N7A FAD G . -6.64 19.89 -13.80
C5A FAD G . -6.28 18.63 -14.14
C6A FAD G . -5.14 17.89 -13.89
N6A FAD G . -4.13 18.42 -13.21
N1A FAD G . -5.06 16.60 -14.38
C2A FAD G . -6.11 16.06 -15.10
N3A FAD G . -7.25 16.79 -15.36
C4A FAD G . -7.33 18.06 -14.88
N1 FAD G . -8.80 15.28 -10.64
C2 FAD G . -9.91 14.47 -10.50
O2 FAD G . -10.84 14.61 -11.27
N3 FAD G . -9.95 13.46 -9.53
C4 FAD G . -8.88 13.30 -8.67
O4 FAD G . -8.91 12.40 -7.79
C4X FAD G . -7.76 14.13 -8.78
N5 FAD G . -6.70 13.97 -7.91
C5X FAD G . -5.58 14.78 -8.02
C6 FAD G . -4.48 14.56 -7.17
C7 FAD G . -3.34 15.36 -7.25
C7M FAD G . -2.18 15.13 -6.28
C8 FAD G . -3.28 16.34 -8.23
C8M FAD G . -2.10 17.24 -8.40
C9 FAD G . -4.35 16.53 -9.11
C9A FAD G . -5.52 15.75 -9.04
N10 FAD G . -6.61 15.96 -9.90
C10 FAD G . -7.72 15.13 -9.78
C1' FAD G . -6.58 17.02 -10.96
C2' FAD G . -7.19 18.37 -10.56
O2' FAD G . -6.60 18.88 -9.39
C3' FAD G . -8.72 18.37 -10.37
O3' FAD G . -9.33 17.75 -11.50
C4' FAD G . -9.30 19.79 -10.15
O4' FAD G . -8.74 20.43 -9.02
C5' FAD G . -10.81 19.71 -10.01
O5' FAD G . -11.41 20.96 -9.75
P FAD G . -12.20 21.81 -10.89
O1P FAD G . -13.09 20.87 -11.71
O2P FAD G . -12.90 22.93 -10.22
O3P FAD G . -10.93 22.22 -11.80
S SO4 H . -17.71 10.62 5.13
O1 SO4 H . -17.15 10.41 3.80
O2 SO4 H . -17.38 9.47 5.96
O3 SO4 H . -17.22 11.86 5.75
O4 SO4 H . -19.15 10.70 4.92
C1 GOL I . -12.12 23.86 -4.20
O1 GOL I . -11.92 24.68 -5.34
C2 GOL I . -13.46 24.24 -3.57
O2 GOL I . -14.41 24.42 -4.58
C3 GOL I . -13.96 23.18 -2.59
O3 GOL I . -13.56 23.53 -1.31
C1 GOL J . 10.87 6.91 -19.65
O1 GOL J . 11.18 5.71 -18.97
C2 GOL J . 12.05 7.88 -19.82
O2 GOL J . 11.62 9.16 -20.25
C3 GOL J . 12.88 8.06 -18.55
O3 GOL J . 14.03 8.83 -18.78
C1 GOL K . -20.49 0.72 -11.85
O1 GOL K . -20.29 -0.55 -12.44
C2 GOL K . -19.40 1.03 -10.83
O2 GOL K . -19.97 1.20 -9.55
C3 GOL K . -18.59 2.28 -11.22
O3 GOL K . -19.38 3.45 -11.31
C ACT L . -6.47 1.23 -6.63
O ACT L . -7.29 1.00 -5.72
OXT ACT L . -6.76 0.72 -7.73
CH3 ACT L . -5.21 2.05 -6.39
C ACT M . 8.66 18.08 -2.52
O ACT M . 8.13 19.22 -2.45
OXT ACT M . 9.00 17.59 -1.42
CH3 ACT M . 8.91 17.36 -3.82
C ACT N . -36.24 6.07 -5.54
O ACT N . -35.87 5.68 -4.42
OXT ACT N . -36.23 5.19 -6.41
CH3 ACT N . -36.67 7.48 -5.79
C ACT O . -2.59 25.34 -18.95
O ACT O . -2.10 26.13 -19.79
OXT ACT O . -2.44 24.12 -19.17
CH3 ACT O . -3.34 25.86 -17.75
PA FAD P . 11.23 -23.52 12.28
O1A FAD P . 11.45 -24.22 13.59
O2A FAD P . 10.98 -24.49 11.14
O5B FAD P . 12.52 -22.66 11.88
C5B FAD P . 13.40 -22.20 12.86
C4B FAD P . 13.80 -20.77 12.54
O4B FAD P . 14.34 -20.69 11.23
C3B FAD P . 12.64 -19.79 12.56
O3B FAD P . 12.36 -19.33 13.86
C2B FAD P . 13.18 -18.70 11.66
O2B FAD P . 14.00 -17.80 12.36
C1B FAD P . 13.99 -19.46 10.63
N9A FAD P . 13.26 -19.72 9.37
C8A FAD P . 12.50 -20.82 9.02
N7A FAD P . 12.03 -20.62 7.77
C5A FAD P . 12.47 -19.44 7.31
C6A FAD P . 12.29 -18.76 6.10
N6A FAD P . 11.49 -19.24 5.15
N1A FAD P . 12.88 -17.54 5.92
C2A FAD P . 13.65 -16.99 6.94
N3A FAD P . 13.83 -17.66 8.13
C4A FAD P . 13.24 -18.87 8.30
N1 FAD P . 9.41 -15.61 9.69
C2 FAD P . 9.41 -14.71 10.75
O2 FAD P . 10.19 -14.84 11.70
N3 FAD P . 8.53 -13.64 10.72
C4 FAD P . 7.65 -13.48 9.67
O4 FAD P . 6.90 -12.50 9.69
C4X FAD P . 7.66 -14.39 8.62
N5 FAD P . 6.77 -14.24 7.54
C5X FAD P . 6.77 -15.14 6.49
C6 FAD P . 5.87 -14.97 5.43
C7 FAD P . 5.85 -15.86 4.34
C7M FAD P . 4.90 -15.70 3.18
C8 FAD P . 6.73 -16.93 4.34
C8M FAD P . 6.72 -17.90 3.19
C9 FAD P . 7.62 -17.11 5.40
C9A FAD P . 7.66 -16.22 6.50
N10 FAD P . 8.54 -16.40 7.58
C10 FAD P . 8.54 -15.47 8.62
C1' FAD P . 9.51 -17.56 7.63
C2' FAD P . 8.97 -18.83 8.36
O2' FAD P . 7.70 -19.26 7.87
C3' FAD P . 8.84 -18.69 9.88
O3' FAD P . 10.01 -18.14 10.45
C4' FAD P . 8.58 -20.03 10.57
O4' FAD P . 7.39 -20.62 10.08
C5' FAD P . 8.48 -19.82 12.09
O5' FAD P . 8.08 -21.01 12.77
P FAD P . 9.14 -21.91 13.58
O1P FAD P . 10.05 -21.02 14.38
O2P FAD P . 8.41 -22.90 14.46
O3P FAD P . 9.98 -22.50 12.33
C ACT Q . 32.52 5.22 28.75
O ACT Q . 31.66 5.83 28.07
OXT ACT Q . 32.49 5.47 29.98
CH3 ACT Q . 33.49 4.28 28.12
C ACT R . 0.60 -19.02 -7.51
O ACT R . -0.46 -18.44 -7.80
OXT ACT R . 0.46 -20.09 -6.84
CH3 ACT R . 1.96 -18.49 -7.93
#